data_9DT5
#
_entry.id   9DT5
#
_cell.length_a   63.014
_cell.length_b   109.089
_cell.length_c   129.145
_cell.angle_alpha   90.000
_cell.angle_beta   90.000
_cell.angle_gamma   90.000
#
_symmetry.space_group_name_H-M   'P 21 21 21'
#
loop_
_entity.id
_entity.type
_entity.pdbx_description
1 polymer 'Sulfonylurea repressor CsR (L4.2-20)'
2 non-polymer 1-(2-CHLOROPHENYLSULFONYL)-3-(4-METHOXY-6-METHYL-L,3,5-TRIAZIN-2-YL)UREA
3 water water
#
_entity_poly.entity_id   1
_entity_poly.type   'polypeptide(L)'
_entity_poly.pdbx_seq_one_letter_code
;MARLDKSKVINSALELLNEVGIEGLTTRKLAQKLGVEQPTLYWHVKNKRALLDALAIEMHDRHQTHYLPLEGESWQDFLR
NFAKSMRLALLSHRDGAKVSLGTRWTEQQYETAENMLAFLTQQGFSLENALYATDAVRVFTLGAVLLDQEQQVAKEERET
PTPDSMPPLLRQAWELKVHQGAEPAFLFGLELIIAGLEKQLKRESGS
;
_entity_poly.pdbx_strand_id   A,B,C,D
#
loop_
_chem_comp.id
_chem_comp.type
_chem_comp.name
_chem_comp.formula
1CS non-polymer 1-(2-CHLOROPHENYLSULFONYL)-3-(4-METHOXY-6-METHYL-L,3,5-TRIAZIN-2-YL)UREA 'C12 H12 Cl N5 O4 S'
#
# COMPACT_ATOMS: atom_id res chain seq x y z
N LEU A 4 27.44 24.42 9.37
CA LEU A 4 26.23 24.66 8.53
C LEU A 4 26.46 24.14 7.09
N ASP A 5 27.47 23.28 6.90
CA ASP A 5 27.85 22.80 5.58
C ASP A 5 27.29 21.38 5.35
N LYS A 6 26.62 21.14 4.21
CA LYS A 6 26.15 19.80 3.86
C LYS A 6 27.25 18.76 4.14
N SER A 7 28.46 19.01 3.61
CA SER A 7 29.54 18.05 3.70
C SER A 7 29.89 17.70 5.14
N LYS A 8 29.89 18.68 6.04
CA LYS A 8 30.21 18.41 7.43
C LYS A 8 29.08 17.65 8.13
N VAL A 9 27.85 17.94 7.76
CA VAL A 9 26.68 17.20 8.23
C VAL A 9 26.85 15.72 7.89
N ILE A 10 27.24 15.43 6.63
CA ILE A 10 27.26 14.05 6.14
C ILE A 10 28.45 13.32 6.75
N ASN A 11 29.61 13.98 6.84
CA ASN A 11 30.77 13.38 7.48
C ASN A 11 30.47 13.05 8.94
N SER A 12 29.87 13.98 9.70
CA SER A 12 29.53 13.64 11.08
C SER A 12 28.57 12.46 11.10
N ALA A 13 27.55 12.49 10.23
CA ALA A 13 26.53 11.45 10.26
C ALA A 13 27.13 10.07 9.99
N LEU A 14 28.10 9.98 9.05
CA LEU A 14 28.79 8.74 8.76
C LEU A 14 29.52 8.25 10.00
N GLU A 15 30.09 9.19 10.77
CA GLU A 15 30.82 8.83 11.97
C GLU A 15 29.87 8.27 13.01
N LEU A 16 28.73 8.96 13.18
CA LEU A 16 27.70 8.54 14.12
C LEU A 16 27.13 7.17 13.73
N LEU A 17 26.90 6.96 12.42
CA LEU A 17 26.48 5.63 11.93
C LEU A 17 27.42 4.56 12.44
N ASN A 18 28.74 4.73 12.27
CA ASN A 18 29.68 3.72 12.71
C ASN A 18 29.64 3.55 14.22
N GLU A 19 29.35 4.62 14.97
CA GLU A 19 29.32 4.58 16.43
C GLU A 19 28.05 3.90 16.94
N VAL A 20 26.87 4.20 16.36
CA VAL A 20 25.63 3.72 16.97
C VAL A 20 24.86 2.77 16.06
N GLY A 21 25.28 2.58 14.79
CA GLY A 21 24.54 1.73 13.85
C GLY A 21 23.25 2.39 13.37
N ILE A 22 22.57 1.76 12.39
CA ILE A 22 21.40 2.36 11.75
C ILE A 22 20.22 2.52 12.71
N GLU A 23 20.01 1.56 13.60
CA GLU A 23 18.84 1.60 14.48
C GLU A 23 18.94 2.72 15.52
N GLY A 24 20.17 3.06 15.92
CA GLY A 24 20.41 4.08 16.94
C GLY A 24 20.51 5.50 16.38
N LEU A 25 20.69 5.63 15.06
CA LEU A 25 20.83 6.94 14.41
C LEU A 25 19.52 7.72 14.47
N THR A 26 19.58 9.00 14.92
CA THR A 26 18.44 9.91 14.86
C THR A 26 18.90 11.31 14.46
N THR A 27 17.96 12.13 13.96
CA THR A 27 18.27 13.51 13.62
C THR A 27 18.63 14.26 14.90
N ARG A 28 17.92 13.96 15.98
CA ARG A 28 18.17 14.56 17.29
C ARG A 28 19.61 14.29 17.71
N LYS A 29 20.09 13.04 17.65
CA LYS A 29 21.47 12.74 18.03
C LYS A 29 22.48 13.35 17.06
N LEU A 30 22.09 13.56 15.80
CA LEU A 30 23.01 14.19 14.87
C LEU A 30 23.07 15.69 15.21
N ALA A 31 21.90 16.33 15.45
CA ALA A 31 21.88 17.73 15.86
C ALA A 31 22.74 17.91 17.10
N GLN A 32 22.62 16.98 18.05
CA GLN A 32 23.40 17.02 19.28
C GLN A 32 24.90 16.89 19.01
N LYS A 33 25.32 15.92 18.19
CA LYS A 33 26.73 15.71 17.89
C LYS A 33 27.31 16.91 17.14
N LEU A 34 26.47 17.60 16.36
CA LEU A 34 26.87 18.78 15.60
C LEU A 34 26.82 20.04 16.47
N GLY A 35 25.92 20.03 17.46
CA GLY A 35 25.67 21.17 18.31
C GLY A 35 24.86 22.24 17.58
N VAL A 36 23.63 21.93 17.17
CA VAL A 36 22.75 22.93 16.60
C VAL A 36 21.30 22.64 16.99
N GLU A 37 20.45 23.64 16.82
CA GLU A 37 19.01 23.52 17.05
C GLU A 37 18.40 22.67 15.93
N GLN A 38 17.47 21.79 16.32
CA GLN A 38 16.79 20.91 15.39
C GLN A 38 16.50 21.62 14.07
N PRO A 39 15.83 22.81 14.04
CA PRO A 39 15.48 23.43 12.76
C PRO A 39 16.72 23.75 11.93
N THR A 40 17.86 24.04 12.59
CA THR A 40 19.12 24.25 11.89
C THR A 40 19.42 23.01 11.04
N LEU A 41 19.50 21.83 11.70
CA LEU A 41 19.74 20.57 11.01
C LEU A 41 18.62 20.32 10.01
N TYR A 42 17.39 20.67 10.41
CA TYR A 42 16.20 20.34 9.63
C TYR A 42 16.38 20.76 8.18
N TRP A 43 17.08 21.89 7.97
CA TRP A 43 17.16 22.49 6.64
C TRP A 43 18.07 21.67 5.72
N HIS A 44 19.00 20.88 6.29
CA HIS A 44 19.83 19.97 5.52
C HIS A 44 19.20 18.59 5.43
N VAL A 45 18.71 18.11 6.58
CA VAL A 45 18.14 16.78 6.72
C VAL A 45 16.82 16.89 7.48
N LYS A 46 15.69 16.74 6.77
CA LYS A 46 14.38 16.96 7.37
C LYS A 46 13.95 15.83 8.31
N ASN A 47 14.28 14.56 8.00
CA ASN A 47 13.94 13.47 8.91
C ASN A 47 14.96 12.35 8.76
N LYS A 48 14.79 11.30 9.58
CA LYS A 48 15.76 10.22 9.56
C LYS A 48 15.83 9.63 8.16
N ARG A 49 14.68 9.55 7.47
CA ARG A 49 14.63 8.93 6.15
C ARG A 49 15.52 9.72 5.19
N ALA A 50 15.49 11.07 5.28
CA ALA A 50 16.26 11.91 4.38
C ALA A 50 17.74 11.79 4.73
N LEU A 51 18.03 11.55 6.00
CA LEU A 51 19.40 11.33 6.44
C LEU A 51 19.95 10.01 5.88
N LEU A 52 19.14 8.94 5.93
CA LEU A 52 19.51 7.66 5.34
C LEU A 52 19.75 7.81 3.83
N ASP A 53 18.89 8.53 3.12
CA ASP A 53 18.97 8.75 1.69
C ASP A 53 20.28 9.47 1.31
N ALA A 54 20.65 10.47 2.10
CA ALA A 54 21.85 11.28 1.87
C ALA A 54 23.10 10.45 2.17
N LEU A 55 23.03 9.63 3.22
CA LEU A 55 24.11 8.75 3.61
C LEU A 55 24.39 7.76 2.48
N ALA A 56 23.34 7.16 1.94
CA ALA A 56 23.46 6.20 0.86
C ALA A 56 24.07 6.85 -0.38
N ILE A 57 23.61 8.06 -0.79
CA ILE A 57 24.23 8.74 -1.91
C ILE A 57 25.72 8.92 -1.66
N GLU A 58 26.09 9.31 -0.44
CA GLU A 58 27.48 9.63 -0.13
C GLU A 58 28.35 8.37 -0.20
N MET A 59 27.86 7.27 0.37
CA MET A 59 28.59 6.02 0.37
C MET A 59 28.88 5.54 -1.05
N HIS A 60 27.88 5.59 -1.93
CA HIS A 60 28.01 5.11 -3.30
C HIS A 60 28.86 6.08 -4.15
N ASP A 61 28.87 7.35 -3.76
CA ASP A 61 29.66 8.36 -4.44
C ASP A 61 31.14 8.19 -4.07
N ARG A 62 31.42 8.09 -2.78
CA ARG A 62 32.79 8.07 -2.32
C ARG A 62 33.50 6.76 -2.65
N HIS A 63 32.76 5.65 -2.72
CA HIS A 63 33.33 4.38 -3.11
C HIS A 63 33.16 4.10 -4.61
N GLN A 64 32.67 5.08 -5.36
CA GLN A 64 32.44 4.98 -6.80
C GLN A 64 31.78 3.67 -7.22
N THR A 65 30.59 3.43 -6.66
CA THR A 65 29.73 2.38 -7.20
C THR A 65 29.61 2.62 -8.71
N HIS A 66 29.74 1.54 -9.47
CA HIS A 66 29.97 1.64 -10.90
C HIS A 66 28.63 1.70 -11.62
N TYR A 67 28.07 2.91 -11.73
CA TYR A 67 26.75 3.06 -12.30
C TYR A 67 26.84 3.21 -13.81
N LEU A 68 27.99 3.65 -14.33
CA LEU A 68 28.09 3.93 -15.75
C LEU A 68 29.21 3.13 -16.42
N PRO A 69 28.97 2.54 -17.62
CA PRO A 69 29.95 1.66 -18.25
C PRO A 69 31.14 2.47 -18.76
N LEU A 70 32.33 1.88 -18.75
CA LEU A 70 33.48 2.50 -19.39
C LEU A 70 33.41 2.22 -20.88
N GLU A 71 34.02 3.08 -21.72
CA GLU A 71 34.06 2.80 -23.14
C GLU A 71 34.72 1.42 -23.32
N GLY A 72 34.12 0.57 -24.15
CA GLY A 72 34.66 -0.74 -24.44
C GLY A 72 34.29 -1.79 -23.39
N GLU A 73 33.56 -1.41 -22.34
CA GLU A 73 33.18 -2.38 -21.32
C GLU A 73 31.98 -3.15 -21.84
N SER A 74 32.04 -4.49 -21.82
CA SER A 74 30.89 -5.30 -22.21
C SER A 74 29.74 -5.12 -21.22
N TRP A 75 28.50 -5.41 -21.61
CA TRP A 75 27.40 -5.32 -20.65
C TRP A 75 27.59 -6.29 -19.50
N GLN A 76 28.20 -7.45 -19.77
CA GLN A 76 28.42 -8.45 -18.74
C GLN A 76 29.37 -7.94 -17.66
N ASP A 77 30.53 -7.45 -18.09
CA ASP A 77 31.52 -6.90 -17.17
C ASP A 77 30.97 -5.68 -16.45
N PHE A 78 30.14 -4.92 -17.15
CA PHE A 78 29.55 -3.73 -16.55
C PHE A 78 28.69 -4.14 -15.34
N LEU A 79 27.85 -5.17 -15.51
CA LEU A 79 26.98 -5.61 -14.43
C LEU A 79 27.81 -6.25 -13.33
N ARG A 80 28.89 -6.96 -13.69
CA ARG A 80 29.77 -7.51 -12.66
C ARG A 80 30.38 -6.39 -11.81
N ASN A 81 30.87 -5.35 -12.49
CA ASN A 81 31.56 -4.25 -11.81
C ASN A 81 30.60 -3.46 -10.93
N PHE A 82 29.38 -3.21 -11.45
CA PHE A 82 28.32 -2.61 -10.68
C PHE A 82 28.07 -3.39 -9.39
N ALA A 83 27.92 -4.71 -9.47
CA ALA A 83 27.61 -5.49 -8.28
C ALA A 83 28.75 -5.47 -7.28
N LYS A 84 29.96 -5.70 -7.78
CA LYS A 84 31.12 -5.82 -6.92
C LYS A 84 31.41 -4.50 -6.23
N SER A 85 31.33 -3.40 -6.98
CA SER A 85 31.60 -2.08 -6.41
C SER A 85 30.49 -1.66 -5.44
N MET A 86 29.23 -1.93 -5.78
CA MET A 86 28.16 -1.68 -4.84
C MET A 86 28.47 -2.44 -3.54
N ARG A 87 28.80 -3.74 -3.65
CA ARG A 87 29.02 -4.55 -2.47
C ARG A 87 30.11 -3.97 -1.56
N LEU A 88 31.23 -3.51 -2.16
CA LEU A 88 32.34 -3.00 -1.40
C LEU A 88 31.98 -1.65 -0.80
N ALA A 89 31.11 -0.87 -1.48
CA ALA A 89 30.63 0.36 -0.88
C ALA A 89 29.79 0.07 0.35
N LEU A 90 28.89 -0.91 0.27
CA LEU A 90 28.02 -1.30 1.38
C LEU A 90 28.85 -1.81 2.57
N LEU A 91 29.90 -2.59 2.27
CA LEU A 91 30.74 -3.16 3.31
C LEU A 91 31.71 -2.14 3.92
N SER A 92 31.78 -0.92 3.41
CA SER A 92 32.69 0.08 3.95
C SER A 92 32.11 0.85 5.13
N HIS A 93 30.86 0.61 5.51
CA HIS A 93 30.21 1.37 6.57
C HIS A 93 29.33 0.44 7.38
N ARG A 94 29.27 0.67 8.70
CA ARG A 94 28.41 -0.13 9.54
C ARG A 94 26.99 0.04 9.02
N ASP A 95 26.30 -1.09 8.84
CA ASP A 95 24.92 -1.13 8.40
C ASP A 95 24.78 -0.48 7.02
N GLY A 96 25.83 -0.54 6.19
CA GLY A 96 25.74 0.03 4.86
C GLY A 96 24.57 -0.52 4.05
N ALA A 97 24.45 -1.84 4.02
CA ALA A 97 23.42 -2.47 3.21
C ALA A 97 22.05 -2.05 3.74
N LYS A 98 21.91 -1.96 5.07
CA LYS A 98 20.63 -1.57 5.65
C LYS A 98 20.30 -0.12 5.25
N VAL A 99 21.33 0.75 5.24
CA VAL A 99 21.09 2.14 4.86
C VAL A 99 20.64 2.20 3.39
N SER A 100 21.26 1.40 2.53
CA SER A 100 20.96 1.46 1.11
C SER A 100 19.65 0.74 0.76
N LEU A 101 19.10 -0.11 1.65
CA LEU A 101 17.99 -0.96 1.28
C LEU A 101 16.75 -0.16 0.88
N GLY A 102 16.58 1.03 1.47
CA GLY A 102 15.37 1.79 1.34
C GLY A 102 15.46 2.94 0.34
N THR A 103 16.58 3.00 -0.43
CA THR A 103 16.84 4.14 -1.29
C THR A 103 16.20 4.00 -2.65
N ARG A 104 16.16 5.11 -3.36
CA ARG A 104 15.73 5.15 -4.72
C ARG A 104 16.45 6.31 -5.41
N TRP A 105 16.43 6.28 -6.72
CA TRP A 105 17.05 7.29 -7.55
C TRP A 105 16.50 8.66 -7.17
N THR A 106 17.39 9.63 -6.89
CA THR A 106 16.98 11.01 -6.75
C THR A 106 17.03 11.72 -8.10
N GLU A 107 16.34 12.85 -8.19
CA GLU A 107 16.30 13.64 -9.41
C GLU A 107 17.70 13.94 -9.90
N GLN A 108 18.63 14.18 -8.98
CA GLN A 108 20.01 14.48 -9.36
C GLN A 108 20.70 13.27 -9.99
N GLN A 109 20.09 12.08 -9.87
CA GLN A 109 20.65 10.85 -10.41
C GLN A 109 19.92 10.36 -11.67
N TYR A 110 18.87 11.06 -12.09
CA TYR A 110 18.04 10.56 -13.18
C TYR A 110 18.86 10.43 -14.48
N GLU A 111 19.77 11.35 -14.76
CA GLU A 111 20.60 11.23 -15.96
C GLU A 111 21.43 9.93 -15.93
N THR A 112 22.07 9.66 -14.79
CA THR A 112 22.83 8.44 -14.61
C THR A 112 21.98 7.19 -14.81
N ALA A 113 20.80 7.18 -14.17
CA ALA A 113 19.86 6.06 -14.27
C ALA A 113 19.44 5.82 -15.71
N GLU A 114 19.11 6.91 -16.42
CA GLU A 114 18.72 6.85 -17.82
C GLU A 114 19.84 6.27 -18.69
N ASN A 115 21.09 6.71 -18.44
CA ASN A 115 22.25 6.25 -19.20
C ASN A 115 22.51 4.74 -18.99
N MET A 116 22.28 4.26 -17.77
CA MET A 116 22.37 2.85 -17.44
C MET A 116 21.41 2.02 -18.26
N LEU A 117 20.12 2.44 -18.30
CA LEU A 117 19.09 1.75 -19.06
C LEU A 117 19.36 1.87 -20.57
N ALA A 118 19.81 3.05 -21.01
CA ALA A 118 20.15 3.25 -22.41
C ALA A 118 21.26 2.31 -22.85
N PHE A 119 22.26 2.10 -21.99
CA PHE A 119 23.35 1.20 -22.31
C PHE A 119 22.85 -0.23 -22.49
N LEU A 120 22.04 -0.72 -21.54
CA LEU A 120 21.58 -2.10 -21.62
C LEU A 120 20.64 -2.31 -22.81
N THR A 121 19.74 -1.36 -23.08
CA THR A 121 18.83 -1.51 -24.20
C THR A 121 19.58 -1.44 -25.53
N GLN A 122 20.70 -0.71 -25.58
CA GLN A 122 21.55 -0.68 -26.75
C GLN A 122 22.13 -2.06 -27.05
N GLN A 123 22.23 -2.93 -26.04
CA GLN A 123 22.70 -4.28 -26.27
C GLN A 123 21.63 -5.21 -26.82
N GLY A 124 20.36 -4.79 -26.85
CA GLY A 124 19.30 -5.63 -27.38
C GLY A 124 18.30 -6.06 -26.30
N PHE A 125 18.57 -5.71 -25.03
CA PHE A 125 17.56 -5.88 -24.01
C PHE A 125 16.40 -4.91 -24.26
N SER A 126 15.18 -5.40 -24.06
CA SER A 126 14.01 -4.57 -23.93
C SER A 126 14.16 -3.70 -22.68
N LEU A 127 13.41 -2.60 -22.60
CA LEU A 127 13.43 -1.76 -21.42
C LEU A 127 13.11 -2.58 -20.18
N GLU A 128 12.04 -3.38 -20.24
CA GLU A 128 11.63 -4.21 -19.11
C GLU A 128 12.78 -5.12 -18.65
N ASN A 129 13.48 -5.74 -19.60
CA ASN A 129 14.52 -6.70 -19.26
C ASN A 129 15.75 -5.98 -18.71
N ALA A 130 16.07 -4.81 -19.26
CA ALA A 130 17.17 -3.99 -18.75
C ALA A 130 16.91 -3.61 -17.29
N LEU A 131 15.68 -3.16 -17.03
CA LEU A 131 15.24 -2.77 -15.72
C LEU A 131 15.35 -3.94 -14.75
N TYR A 132 14.78 -5.09 -15.11
CA TYR A 132 14.75 -6.20 -14.16
C TYR A 132 16.14 -6.83 -14.00
N ALA A 133 17.03 -6.67 -15.00
CA ALA A 133 18.42 -7.13 -14.85
C ALA A 133 19.13 -6.34 -13.77
N THR A 134 19.09 -5.01 -13.87
CA THR A 134 19.71 -4.12 -12.90
CA THR A 134 19.77 -4.18 -12.89
C THR A 134 19.13 -4.38 -11.51
N ASP A 135 17.80 -4.51 -11.46
CA ASP A 135 17.12 -4.81 -10.20
C ASP A 135 17.54 -6.16 -9.64
N ALA A 136 17.70 -7.19 -10.47
CA ALA A 136 18.16 -8.50 -10.02
C ALA A 136 19.56 -8.41 -9.40
N VAL A 137 20.45 -7.64 -10.03
CA VAL A 137 21.79 -7.54 -9.53
C VAL A 137 21.79 -6.77 -8.21
N ARG A 138 21.01 -5.71 -8.14
CA ARG A 138 20.89 -4.93 -6.91
C ARG A 138 20.36 -5.78 -5.74
N VAL A 139 19.24 -6.49 -5.95
CA VAL A 139 18.59 -7.18 -4.83
C VAL A 139 19.49 -8.34 -4.40
N PHE A 140 20.11 -9.03 -5.34
CA PHE A 140 21.03 -10.10 -5.03
C PHE A 140 22.19 -9.58 -4.17
N THR A 141 22.76 -8.43 -4.56
CA THR A 141 23.91 -7.88 -3.88
C THR A 141 23.48 -7.48 -2.46
N LEU A 142 22.34 -6.79 -2.34
CA LEU A 142 21.84 -6.43 -1.03
C LEU A 142 21.59 -7.68 -0.18
N GLY A 143 20.95 -8.67 -0.78
CA GLY A 143 20.60 -9.89 -0.07
C GLY A 143 21.82 -10.63 0.44
N ALA A 144 22.88 -10.74 -0.39
CA ALA A 144 24.10 -11.44 0.00
C ALA A 144 24.75 -10.76 1.21
N VAL A 145 24.87 -9.43 1.18
CA VAL A 145 25.49 -8.70 2.27
C VAL A 145 24.65 -8.81 3.55
N LEU A 146 23.33 -8.59 3.43
CA LEU A 146 22.43 -8.61 4.58
C LEU A 146 22.33 -9.99 5.22
N LEU A 147 22.33 -11.04 4.39
CA LEU A 147 22.24 -12.40 4.90
C LEU A 147 23.52 -12.72 5.67
N ASP A 148 24.67 -12.39 5.09
CA ASP A 148 25.94 -12.67 5.77
C ASP A 148 25.97 -11.94 7.11
N GLN A 149 25.62 -10.66 7.14
CA GLN A 149 25.70 -9.86 8.36
C GLN A 149 24.86 -10.53 9.45
N GLU A 150 23.62 -10.88 9.10
CA GLU A 150 22.66 -11.37 10.09
C GLU A 150 23.03 -12.78 10.54
N GLN A 151 23.54 -13.61 9.61
CA GLN A 151 23.95 -14.97 9.96
C GLN A 151 25.07 -14.90 11.01
N GLN A 152 25.99 -13.92 10.90
CA GLN A 152 27.10 -13.80 11.83
C GLN A 152 26.64 -13.34 13.22
N VAL A 153 25.63 -12.47 13.29
CA VAL A 153 25.04 -12.12 14.56
C VAL A 153 24.36 -13.36 15.14
N ALA A 154 23.58 -14.05 14.32
CA ALA A 154 22.63 -15.03 14.82
C ALA A 154 23.37 -16.21 15.43
N LYS A 155 24.49 -16.60 14.82
CA LYS A 155 25.19 -17.79 15.29
C LYS A 155 25.83 -17.55 16.66
N GLU A 156 25.90 -16.28 17.10
CA GLU A 156 26.38 -15.98 18.44
C GLU A 156 25.26 -16.03 19.47
N GLU A 157 23.99 -16.14 19.04
CA GLU A 157 22.88 -16.07 19.97
C GLU A 157 22.16 -17.41 20.06
N ARG A 158 22.85 -18.48 19.64
CA ARG A 158 22.27 -19.81 19.44
C ARG A 158 23.37 -20.85 19.63
N GLU A 159 23.04 -22.04 20.14
CA GLU A 159 23.96 -23.16 20.22
C GLU A 159 24.54 -23.48 18.85
N THR A 160 25.85 -23.72 18.76
CA THR A 160 26.50 -24.13 17.52
C THR A 160 25.88 -25.44 17.04
N PRO A 161 25.76 -25.69 15.72
CA PRO A 161 25.26 -26.97 15.23
C PRO A 161 26.26 -28.08 15.57
N THR A 162 25.76 -29.31 15.73
CA THR A 162 26.61 -30.46 16.01
C THR A 162 26.74 -31.33 14.74
N PRO A 163 27.92 -31.28 14.08
CA PRO A 163 28.13 -31.96 12.79
C PRO A 163 27.78 -33.45 12.74
N ASP A 164 28.08 -34.15 13.85
CA ASP A 164 27.88 -35.58 13.97
C ASP A 164 26.41 -35.92 13.89
N SER A 165 25.54 -34.95 14.23
CA SER A 165 24.10 -35.09 14.13
C SER A 165 23.59 -34.96 12.69
N MET A 166 24.46 -34.59 11.75
CA MET A 166 24.04 -34.28 10.39
C MET A 166 24.14 -35.52 9.51
N PRO A 167 23.11 -35.83 8.70
CA PRO A 167 23.17 -36.91 7.72
C PRO A 167 24.18 -36.57 6.62
N PRO A 168 24.63 -37.57 5.84
CA PRO A 168 25.87 -37.41 5.07
C PRO A 168 25.97 -36.26 4.06
N LEU A 169 24.94 -36.01 3.23
CA LEU A 169 25.08 -34.92 2.26
C LEU A 169 25.14 -33.56 2.97
N LEU A 170 24.33 -33.42 4.01
CA LEU A 170 24.20 -32.16 4.73
C LEU A 170 25.50 -31.87 5.47
N ARG A 171 26.09 -32.93 6.03
CA ARG A 171 27.39 -32.84 6.68
C ARG A 171 28.44 -32.30 5.72
N GLN A 172 28.45 -32.83 4.49
CA GLN A 172 29.38 -32.36 3.47
C GLN A 172 29.07 -30.92 3.09
N ALA A 173 27.78 -30.56 3.10
CA ALA A 173 27.33 -29.20 2.82
C ALA A 173 27.85 -28.25 3.90
N TRP A 174 27.67 -28.67 5.15
CA TRP A 174 28.11 -27.88 6.29
C TRP A 174 29.60 -27.57 6.18
N GLU A 175 30.37 -28.59 5.76
CA GLU A 175 31.82 -28.49 5.73
C GLU A 175 32.23 -27.49 4.66
N LEU A 176 31.59 -27.55 3.49
CA LEU A 176 31.84 -26.56 2.46
C LEU A 176 31.57 -25.14 2.96
N LYS A 177 30.47 -24.93 3.69
CA LYS A 177 30.03 -23.59 4.03
C LYS A 177 30.87 -22.99 5.14
N VAL A 178 31.37 -23.81 6.05
CA VAL A 178 32.41 -23.40 6.98
C VAL A 178 33.54 -22.71 6.22
N HIS A 179 33.90 -23.23 5.04
CA HIS A 179 35.10 -22.77 4.34
C HIS A 179 34.81 -21.79 3.21
N GLN A 180 33.53 -21.53 2.88
CA GLN A 180 33.24 -20.88 1.60
C GLN A 180 33.75 -19.44 1.60
N GLY A 181 33.44 -18.69 2.65
CA GLY A 181 33.70 -17.25 2.65
C GLY A 181 32.56 -16.47 1.97
N ALA A 182 32.39 -15.22 2.38
CA ALA A 182 31.30 -14.38 1.93
C ALA A 182 31.45 -14.04 0.44
N GLU A 183 32.67 -13.68 0.00
CA GLU A 183 32.86 -13.16 -1.35
C GLU A 183 32.58 -14.27 -2.38
N PRO A 184 33.12 -15.50 -2.25
CA PRO A 184 32.75 -16.61 -3.15
C PRO A 184 31.27 -16.95 -3.29
N ALA A 185 30.51 -16.91 -2.18
CA ALA A 185 29.07 -17.12 -2.25
C ALA A 185 28.42 -16.06 -3.15
N PHE A 186 28.80 -14.80 -2.90
CA PHE A 186 28.31 -13.66 -3.66
C PHE A 186 28.66 -13.83 -5.14
N LEU A 187 29.88 -14.25 -5.45
CA LEU A 187 30.28 -14.28 -6.85
C LEU A 187 29.63 -15.44 -7.59
N PHE A 188 29.40 -16.56 -6.91
CA PHE A 188 28.70 -17.70 -7.49
C PHE A 188 27.32 -17.28 -8.00
N GLY A 189 26.51 -16.66 -7.11
CA GLY A 189 25.21 -16.18 -7.51
C GLY A 189 25.27 -15.15 -8.63
N LEU A 190 26.19 -14.20 -8.50
CA LEU A 190 26.34 -13.15 -9.49
C LEU A 190 26.53 -13.75 -10.88
N GLU A 191 27.39 -14.77 -10.96
CA GLU A 191 27.72 -15.39 -12.23
C GLU A 191 26.50 -16.11 -12.79
N LEU A 192 25.65 -16.67 -11.91
CA LEU A 192 24.44 -17.34 -12.38
C LEU A 192 23.56 -16.30 -13.08
N ILE A 193 23.43 -15.12 -12.47
CA ILE A 193 22.59 -14.06 -12.98
C ILE A 193 23.11 -13.61 -14.36
N ILE A 194 24.42 -13.41 -14.47
CA ILE A 194 24.98 -12.95 -15.73
C ILE A 194 24.77 -14.01 -16.81
N ALA A 195 25.03 -15.27 -16.49
CA ALA A 195 24.85 -16.38 -17.44
C ALA A 195 23.39 -16.47 -17.93
N GLY A 196 22.42 -16.32 -17.02
CA GLY A 196 21.02 -16.28 -17.40
C GLY A 196 20.68 -15.11 -18.32
N LEU A 197 21.32 -13.97 -18.10
CA LEU A 197 21.04 -12.79 -18.91
C LEU A 197 21.54 -12.99 -20.33
N GLU A 198 22.69 -13.66 -20.46
CA GLU A 198 23.27 -13.98 -21.76
C GLU A 198 22.32 -14.86 -22.56
N LYS A 199 21.86 -15.94 -21.92
CA LYS A 199 20.89 -16.82 -22.54
C LYS A 199 19.66 -16.01 -22.96
N GLN A 200 19.16 -15.20 -22.03
CA GLN A 200 18.00 -14.33 -22.24
C GLN A 200 18.19 -13.41 -23.45
N LEU A 201 19.37 -12.81 -23.56
CA LEU A 201 19.63 -11.85 -24.60
C LEU A 201 19.71 -12.56 -25.96
N LYS A 202 20.37 -13.73 -26.02
CA LYS A 202 20.32 -14.54 -27.23
C LYS A 202 18.85 -14.76 -27.64
N ARG A 203 18.04 -15.39 -26.78
CA ARG A 203 16.68 -15.71 -27.21
C ARG A 203 16.00 -14.45 -27.75
N GLU A 204 15.85 -13.40 -26.94
CA GLU A 204 15.44 -12.11 -27.46
C GLU A 204 16.17 -11.84 -28.78
N ARG B 3 -2.86 -22.43 31.22
CA ARG B 3 -1.76 -23.30 30.70
C ARG B 3 -1.32 -22.87 29.30
N LEU B 4 -0.09 -22.37 29.19
CA LEU B 4 0.43 -21.79 27.95
C LEU B 4 1.00 -22.87 27.01
N ASP B 5 0.40 -22.98 25.80
CA ASP B 5 0.86 -23.89 24.77
C ASP B 5 1.74 -23.11 23.77
N LYS B 6 2.68 -23.82 23.15
CA LYS B 6 3.62 -23.25 22.18
C LYS B 6 2.85 -22.52 21.09
N SER B 7 1.76 -23.13 20.59
CA SER B 7 1.03 -22.54 19.48
C SER B 7 0.48 -21.16 19.88
N LYS B 8 0.07 -20.99 21.13
CA LYS B 8 -0.46 -19.71 21.58
C LYS B 8 0.68 -18.69 21.63
N VAL B 9 1.85 -19.11 22.08
CA VAL B 9 3.03 -18.26 22.14
C VAL B 9 3.30 -17.71 20.74
N ILE B 10 3.22 -18.60 19.74
CA ILE B 10 3.60 -18.27 18.37
C ILE B 10 2.55 -17.38 17.72
N ASN B 11 1.26 -17.74 17.87
CA ASN B 11 0.17 -16.93 17.35
C ASN B 11 0.24 -15.50 17.89
N SER B 12 0.47 -15.39 19.18
CA SER B 12 0.49 -14.10 19.84
C SER B 12 1.73 -13.30 19.41
N ALA B 13 2.86 -13.98 19.24
CA ALA B 13 4.09 -13.36 18.79
C ALA B 13 3.99 -12.84 17.34
N LEU B 14 3.29 -13.57 16.48
CA LEU B 14 3.02 -13.14 15.10
C LEU B 14 2.13 -11.91 15.08
N GLU B 15 1.16 -11.81 16.01
CA GLU B 15 0.32 -10.62 16.07
C GLU B 15 1.16 -9.44 16.53
N LEU B 16 1.99 -9.64 17.58
CA LEU B 16 2.86 -8.61 18.10
C LEU B 16 3.85 -8.17 17.03
N LEU B 17 4.40 -9.12 16.25
CA LEU B 17 5.28 -8.76 15.14
C LEU B 17 4.58 -7.77 14.23
N ASN B 18 3.33 -8.06 13.85
CA ASN B 18 2.59 -7.14 12.99
C ASN B 18 2.36 -5.78 13.66
N GLU B 19 2.16 -5.75 14.98
CA GLU B 19 1.94 -4.52 15.73
C GLU B 19 3.21 -3.68 15.88
N VAL B 20 4.36 -4.29 16.17
CA VAL B 20 5.53 -3.52 16.54
C VAL B 20 6.73 -3.72 15.61
N GLY B 21 6.74 -4.72 14.71
CA GLY B 21 7.92 -4.92 13.87
C GLY B 21 9.02 -5.71 14.57
N ILE B 22 10.01 -6.15 13.79
CA ILE B 22 11.08 -7.01 14.30
C ILE B 22 11.93 -6.27 15.33
N GLU B 23 12.13 -4.96 15.15
CA GLU B 23 13.00 -4.20 16.05
C GLU B 23 12.33 -4.05 17.42
N GLY B 24 11.01 -3.86 17.43
CA GLY B 24 10.25 -3.62 18.64
C GLY B 24 9.83 -4.88 19.38
N LEU B 25 9.91 -6.03 18.72
CA LEU B 25 9.57 -7.32 19.32
C LEU B 25 10.53 -7.64 20.47
N THR B 26 10.00 -7.95 21.65
CA THR B 26 10.83 -8.40 22.76
C THR B 26 10.07 -9.50 23.49
N THR B 27 10.80 -10.38 24.18
CA THR B 27 10.14 -11.41 24.97
C THR B 27 9.39 -10.77 26.14
N ARG B 28 9.89 -9.66 26.69
CA ARG B 28 9.16 -8.93 27.73
C ARG B 28 7.79 -8.47 27.22
N LYS B 29 7.73 -7.88 26.03
CA LYS B 29 6.46 -7.43 25.46
C LYS B 29 5.55 -8.61 25.14
N LEU B 30 6.13 -9.75 24.72
CA LEU B 30 5.33 -10.94 24.45
C LEU B 30 4.70 -11.47 25.74
N ALA B 31 5.50 -11.55 26.82
CA ALA B 31 4.97 -12.06 28.09
C ALA B 31 3.82 -11.18 28.61
N GLN B 32 4.03 -9.86 28.54
CA GLN B 32 2.98 -8.90 28.86
C GLN B 32 1.73 -9.17 28.03
N LYS B 33 1.90 -9.42 26.72
CA LYS B 33 0.75 -9.62 25.84
C LYS B 33 0.02 -10.91 26.22
N LEU B 34 0.78 -11.95 26.58
CA LEU B 34 0.19 -13.23 26.95
C LEU B 34 -0.39 -13.19 28.37
N GLY B 35 0.02 -12.22 29.19
CA GLY B 35 -0.40 -12.15 30.59
C GLY B 35 0.32 -13.18 31.48
N VAL B 36 1.59 -13.48 31.19
CA VAL B 36 2.28 -14.49 31.98
C VAL B 36 3.58 -13.89 32.52
N GLU B 37 4.10 -14.48 33.59
CA GLU B 37 5.42 -14.15 34.10
C GLU B 37 6.52 -14.60 33.15
N GLN B 38 7.68 -13.97 33.27
CA GLN B 38 8.76 -14.13 32.32
C GLN B 38 9.29 -15.57 32.27
N PRO B 39 9.43 -16.34 33.39
CA PRO B 39 9.84 -17.75 33.30
C PRO B 39 8.87 -18.67 32.59
N THR B 40 7.58 -18.39 32.69
CA THR B 40 6.59 -19.18 31.99
C THR B 40 6.78 -19.10 30.47
N LEU B 41 7.13 -17.91 29.97
CA LEU B 41 7.38 -17.73 28.53
C LEU B 41 8.74 -18.34 28.18
N TYR B 42 9.71 -18.15 29.08
CA TYR B 42 11.07 -18.62 28.85
C TYR B 42 11.14 -20.12 28.54
N TRP B 43 10.25 -20.93 29.13
CA TRP B 43 10.22 -22.37 28.88
C TRP B 43 9.99 -22.64 27.41
N HIS B 44 9.26 -21.73 26.75
CA HIS B 44 8.96 -21.85 25.33
C HIS B 44 10.02 -21.15 24.46
N VAL B 45 10.42 -19.93 24.83
CA VAL B 45 11.41 -19.21 24.04
C VAL B 45 12.38 -18.56 25.00
N LYS B 46 13.64 -19.00 24.92
CA LYS B 46 14.65 -18.61 25.89
C LYS B 46 15.06 -17.16 25.69
N ASN B 47 14.93 -16.63 24.46
CA ASN B 47 15.42 -15.29 24.16
C ASN B 47 14.87 -14.88 22.81
N LYS B 48 15.17 -13.65 22.41
CA LYS B 48 14.65 -13.10 21.16
C LYS B 48 15.07 -13.91 19.94
N ARG B 49 16.33 -14.34 19.87
CA ARG B 49 16.75 -15.19 18.76
C ARG B 49 15.89 -16.45 18.66
N ALA B 50 15.64 -17.16 19.78
CA ALA B 50 14.86 -18.38 19.74
C ALA B 50 13.44 -18.04 19.27
N LEU B 51 12.94 -16.85 19.67
CA LEU B 51 11.63 -16.41 19.22
C LEU B 51 11.61 -16.22 17.70
N LEU B 52 12.62 -15.56 17.14
CA LEU B 52 12.66 -15.36 15.70
C LEU B 52 12.77 -16.71 14.99
N ASP B 53 13.61 -17.61 15.51
CA ASP B 53 13.78 -18.91 14.90
C ASP B 53 12.41 -19.58 14.84
N ALA B 54 11.60 -19.49 15.89
CA ALA B 54 10.33 -20.20 15.92
C ALA B 54 9.28 -19.50 15.05
N LEU B 55 9.37 -18.17 14.91
CA LEU B 55 8.44 -17.43 14.08
C LEU B 55 8.67 -17.82 12.62
N ALA B 56 9.95 -17.89 12.22
CA ALA B 56 10.30 -18.23 10.85
C ALA B 56 9.76 -19.64 10.53
N ILE B 57 10.02 -20.62 11.41
CA ILE B 57 9.53 -21.97 11.18
C ILE B 57 8.01 -22.00 10.99
N GLU B 58 7.29 -21.22 11.79
CA GLU B 58 5.83 -21.19 11.72
C GLU B 58 5.38 -20.58 10.40
N MET B 59 6.02 -19.49 9.97
CA MET B 59 5.61 -18.85 8.74
C MET B 59 5.76 -19.81 7.56
N HIS B 60 6.90 -20.48 7.49
CA HIS B 60 7.23 -21.39 6.39
C HIS B 60 6.34 -22.65 6.42
N ASP B 61 5.97 -23.09 7.62
CA ASP B 61 5.06 -24.21 7.78
C ASP B 61 3.66 -23.82 7.33
N ARG B 62 3.11 -22.75 7.89
CA ARG B 62 1.76 -22.29 7.59
C ARG B 62 1.56 -21.99 6.10
N HIS B 63 2.57 -21.39 5.49
CA HIS B 63 2.43 -20.94 4.12
C HIS B 63 2.99 -21.98 3.15
N GLN B 64 3.29 -23.19 3.66
CA GLN B 64 3.66 -24.36 2.87
C GLN B 64 4.81 -24.05 1.91
N THR B 65 5.92 -23.54 2.48
CA THR B 65 7.13 -23.31 1.72
C THR B 65 7.55 -24.65 1.14
N HIS B 66 7.89 -24.65 -0.14
CA HIS B 66 8.07 -25.88 -0.91
C HIS B 66 9.49 -26.44 -0.74
N TYR B 67 9.75 -27.10 0.40
CA TYR B 67 11.03 -27.72 0.69
C TYR B 67 11.12 -29.13 0.09
N LEU B 68 9.99 -29.81 -0.09
CA LEU B 68 9.96 -31.18 -0.62
C LEU B 68 9.55 -31.19 -2.09
N PRO B 69 10.38 -31.69 -3.04
CA PRO B 69 9.91 -31.86 -4.42
C PRO B 69 8.66 -32.70 -4.56
N LEU B 70 7.77 -32.34 -5.49
CA LEU B 70 6.67 -33.19 -5.92
C LEU B 70 7.21 -34.41 -6.67
N GLU B 71 6.36 -35.45 -6.77
CA GLU B 71 6.66 -36.61 -7.58
C GLU B 71 6.89 -36.18 -9.02
N GLY B 72 8.06 -36.54 -9.56
CA GLY B 72 8.41 -36.26 -10.95
C GLY B 72 8.76 -34.80 -11.27
N GLU B 73 8.86 -33.92 -10.25
CA GLU B 73 9.08 -32.49 -10.46
C GLU B 73 10.50 -32.31 -11.00
N SER B 74 10.66 -31.50 -12.03
CA SER B 74 11.99 -31.16 -12.51
C SER B 74 12.70 -30.28 -11.48
N TRP B 75 14.03 -30.20 -11.55
CA TRP B 75 14.74 -29.34 -10.62
C TRP B 75 14.36 -27.88 -10.88
N GLN B 76 14.07 -27.52 -12.13
CA GLN B 76 13.76 -26.14 -12.46
C GLN B 76 12.44 -25.74 -11.79
N ASP B 77 11.43 -26.60 -11.96
CA ASP B 77 10.13 -26.35 -11.37
C ASP B 77 10.22 -26.39 -9.84
N PHE B 78 11.08 -27.28 -9.32
CA PHE B 78 11.31 -27.38 -7.88
C PHE B 78 11.82 -26.03 -7.32
N LEU B 79 12.87 -25.48 -7.94
CA LEU B 79 13.45 -24.22 -7.45
C LEU B 79 12.48 -23.05 -7.62
N ARG B 80 11.71 -23.01 -8.72
CA ARG B 80 10.69 -21.98 -8.93
C ARG B 80 9.65 -22.01 -7.80
N ASN B 81 9.17 -23.22 -7.45
CA ASN B 81 8.15 -23.38 -6.42
C ASN B 81 8.70 -23.09 -5.03
N PHE B 82 9.95 -23.51 -4.78
CA PHE B 82 10.61 -23.15 -3.55
C PHE B 82 10.67 -21.64 -3.36
N ALA B 83 11.14 -20.92 -4.39
CA ALA B 83 11.34 -19.47 -4.30
C ALA B 83 10.01 -18.72 -4.15
N LYS B 84 9.06 -19.10 -4.98
CA LYS B 84 7.77 -18.41 -4.95
C LYS B 84 7.02 -18.62 -3.66
N SER B 85 6.99 -19.85 -3.16
CA SER B 85 6.28 -20.14 -1.92
C SER B 85 7.01 -19.52 -0.73
N MET B 86 8.34 -19.57 -0.73
CA MET B 86 9.13 -18.90 0.31
C MET B 86 8.82 -17.40 0.31
N ARG B 87 8.82 -16.78 -0.86
CA ARG B 87 8.49 -15.37 -0.96
C ARG B 87 7.14 -15.03 -0.30
N LEU B 88 6.08 -15.77 -0.66
CA LEU B 88 4.74 -15.49 -0.11
C LEU B 88 4.74 -15.69 1.40
N ALA B 89 5.49 -16.68 1.89
CA ALA B 89 5.62 -16.86 3.34
C ALA B 89 6.27 -15.61 3.98
N LEU B 90 7.32 -15.08 3.35
CA LEU B 90 8.00 -13.93 3.94
C LEU B 90 7.10 -12.70 3.92
N LEU B 91 6.27 -12.60 2.87
CA LEU B 91 5.40 -11.45 2.72
C LEU B 91 4.18 -11.52 3.65
N SER B 92 3.91 -12.67 4.28
CA SER B 92 2.70 -12.86 5.08
C SER B 92 2.69 -12.01 6.34
N HIS B 93 3.85 -11.55 6.79
CA HIS B 93 3.97 -10.86 8.07
C HIS B 93 4.92 -9.69 7.89
N ARG B 94 4.64 -8.60 8.63
CA ARG B 94 5.55 -7.47 8.77
C ARG B 94 6.97 -7.98 9.09
N ASP B 95 7.98 -7.46 8.38
CA ASP B 95 9.38 -7.81 8.60
C ASP B 95 9.66 -9.30 8.42
N GLY B 96 8.81 -9.98 7.64
CA GLY B 96 8.93 -11.42 7.45
C GLY B 96 10.30 -11.84 6.89
N ALA B 97 10.80 -11.12 5.90
CA ALA B 97 12.12 -11.42 5.36
C ALA B 97 13.18 -11.27 6.44
N LYS B 98 13.10 -10.19 7.21
CA LYS B 98 14.06 -9.97 8.27
C LYS B 98 13.95 -11.07 9.33
N VAL B 99 12.74 -11.58 9.61
CA VAL B 99 12.61 -12.66 10.56
C VAL B 99 13.31 -13.93 10.07
N SER B 100 13.27 -14.22 8.76
CA SER B 100 13.90 -15.42 8.24
C SER B 100 15.38 -15.25 7.94
N LEU B 101 15.88 -14.01 7.97
CA LEU B 101 17.21 -13.73 7.42
C LEU B 101 18.33 -14.42 8.20
N GLY B 102 18.14 -14.57 9.51
CA GLY B 102 19.18 -15.14 10.35
C GLY B 102 19.01 -16.64 10.60
N THR B 103 18.08 -17.31 9.94
CA THR B 103 17.74 -18.67 10.28
C THR B 103 18.72 -19.64 9.64
N ARG B 104 18.66 -20.88 10.13
CA ARG B 104 19.41 -21.99 9.57
C ARG B 104 18.59 -23.25 9.87
N TRP B 105 18.89 -24.34 9.16
CA TRP B 105 18.17 -25.59 9.38
C TRP B 105 18.28 -25.96 10.86
N THR B 106 17.17 -26.38 11.48
CA THR B 106 17.23 -26.97 12.80
C THR B 106 17.44 -28.49 12.64
N GLU B 107 17.76 -29.17 13.74
CA GLU B 107 17.95 -30.61 13.73
C GLU B 107 16.69 -31.30 13.20
N GLN B 108 15.52 -30.87 13.65
CA GLN B 108 14.26 -31.42 13.17
C GLN B 108 14.05 -31.26 11.66
N GLN B 109 14.79 -30.35 10.99
CA GLN B 109 14.65 -30.18 9.54
C GLN B 109 15.78 -30.86 8.76
N TYR B 110 16.70 -31.57 9.43
CA TYR B 110 17.87 -32.12 8.74
C TYR B 110 17.46 -33.15 7.68
N GLU B 111 16.43 -33.97 7.94
CA GLU B 111 15.91 -34.91 6.95
C GLU B 111 15.37 -34.17 5.71
N THR B 112 14.61 -33.10 5.91
CA THR B 112 14.14 -32.26 4.81
C THR B 112 15.32 -31.79 3.95
N ALA B 113 16.33 -31.23 4.62
CA ALA B 113 17.43 -30.61 3.93
C ALA B 113 18.26 -31.65 3.18
N GLU B 114 18.47 -32.82 3.79
CA GLU B 114 19.07 -33.97 3.11
C GLU B 114 18.33 -34.35 1.83
N ASN B 115 17.02 -34.52 1.94
CA ASN B 115 16.21 -34.95 0.79
C ASN B 115 16.26 -33.92 -0.33
N MET B 116 16.45 -32.63 0.01
CA MET B 116 16.58 -31.58 -0.99
C MET B 116 17.92 -31.73 -1.73
N LEU B 117 19.00 -31.99 -1.00
CA LEU B 117 20.30 -32.19 -1.62
C LEU B 117 20.34 -33.50 -2.43
N ALA B 118 19.68 -34.54 -1.92
CA ALA B 118 19.62 -35.82 -2.62
C ALA B 118 18.88 -35.64 -3.94
N PHE B 119 17.76 -34.91 -3.89
CA PHE B 119 16.98 -34.63 -5.08
C PHE B 119 17.83 -33.91 -6.13
N LEU B 120 18.56 -32.86 -5.72
CA LEU B 120 19.25 -32.02 -6.70
C LEU B 120 20.42 -32.80 -7.28
N THR B 121 21.10 -33.59 -6.46
CA THR B 121 22.21 -34.39 -6.96
C THR B 121 21.66 -35.47 -7.90
N GLN B 122 20.54 -36.08 -7.57
CA GLN B 122 19.93 -37.06 -8.46
C GLN B 122 19.65 -36.46 -9.85
N GLN B 123 19.24 -35.18 -9.90
CA GLN B 123 18.96 -34.49 -11.14
C GLN B 123 20.24 -34.07 -11.86
N GLY B 124 21.41 -34.32 -11.27
CA GLY B 124 22.65 -34.19 -12.03
C GLY B 124 23.61 -33.13 -11.52
N PHE B 125 23.23 -32.38 -10.45
CA PHE B 125 24.13 -31.42 -9.83
C PHE B 125 25.18 -32.11 -8.97
N SER B 126 26.40 -31.58 -8.95
CA SER B 126 27.35 -31.92 -7.91
C SER B 126 26.77 -31.47 -6.56
N LEU B 127 27.23 -32.07 -5.46
CA LEU B 127 26.73 -31.71 -4.13
C LEU B 127 26.98 -30.22 -3.91
N GLU B 128 28.21 -29.77 -4.17
CA GLU B 128 28.61 -28.37 -4.09
C GLU B 128 27.71 -27.42 -4.89
N ASN B 129 27.41 -27.72 -6.16
CA ASN B 129 26.55 -26.82 -6.94
C ASN B 129 25.09 -26.93 -6.49
N ALA B 130 24.65 -28.10 -5.99
CA ALA B 130 23.28 -28.22 -5.46
C ALA B 130 23.09 -27.26 -4.28
N LEU B 131 24.08 -27.27 -3.38
CA LEU B 131 24.11 -26.42 -2.20
C LEU B 131 24.12 -24.94 -2.59
N TYR B 132 25.00 -24.55 -3.51
CA TYR B 132 25.18 -23.14 -3.82
C TYR B 132 23.98 -22.63 -4.63
N ALA B 133 23.32 -23.50 -5.40
CA ALA B 133 22.13 -23.16 -6.16
C ALA B 133 21.00 -22.77 -5.19
N THR B 134 20.75 -23.64 -4.21
CA THR B 134 19.72 -23.41 -3.21
C THR B 134 20.02 -22.11 -2.46
N ASP B 135 21.27 -21.94 -2.02
CA ASP B 135 21.67 -20.71 -1.35
C ASP B 135 21.51 -19.50 -2.28
N ALA B 136 21.75 -19.62 -3.58
CA ALA B 136 21.58 -18.44 -4.40
C ALA B 136 20.09 -18.07 -4.53
N VAL B 137 19.20 -19.06 -4.67
CA VAL B 137 17.76 -18.82 -4.76
C VAL B 137 17.24 -18.22 -3.46
N ARG B 138 17.70 -18.76 -2.34
CA ARG B 138 17.30 -18.25 -1.03
C ARG B 138 17.73 -16.79 -0.83
N VAL B 139 19.00 -16.50 -1.16
CA VAL B 139 19.54 -15.16 -1.02
C VAL B 139 18.75 -14.18 -1.91
N PHE B 140 18.55 -14.52 -3.18
CA PHE B 140 17.76 -13.71 -4.09
C PHE B 140 16.35 -13.44 -3.53
N THR B 141 15.69 -14.49 -3.03
CA THR B 141 14.32 -14.39 -2.54
C THR B 141 14.27 -13.49 -1.30
N LEU B 142 15.19 -13.69 -0.35
CA LEU B 142 15.28 -12.83 0.83
C LEU B 142 15.50 -11.38 0.41
N GLY B 143 16.47 -11.16 -0.50
CA GLY B 143 16.78 -9.83 -1.01
C GLY B 143 15.56 -9.14 -1.59
N ALA B 144 14.83 -9.84 -2.46
CA ALA B 144 13.67 -9.28 -3.13
C ALA B 144 12.64 -8.79 -2.09
N VAL B 145 12.41 -9.60 -1.06
CA VAL B 145 11.36 -9.29 -0.11
C VAL B 145 11.86 -8.23 0.89
N LEU B 146 13.14 -8.29 1.30
CA LEU B 146 13.76 -7.24 2.10
C LEU B 146 13.54 -5.89 1.43
N LEU B 147 13.86 -5.82 0.14
CA LEU B 147 13.76 -4.58 -0.60
C LEU B 147 12.28 -4.14 -0.69
N ASP B 148 11.39 -5.05 -1.09
CA ASP B 148 9.94 -4.78 -1.16
C ASP B 148 9.41 -4.20 0.18
N GLN B 149 9.66 -4.90 1.29
CA GLN B 149 9.13 -4.50 2.58
C GLN B 149 9.77 -3.18 3.06
N GLU B 150 11.06 -2.94 2.83
CA GLU B 150 11.66 -1.68 3.25
C GLU B 150 11.13 -0.51 2.41
N GLN B 151 11.00 -0.70 1.10
CA GLN B 151 10.54 0.35 0.21
C GLN B 151 9.09 0.72 0.58
N GLN B 152 8.28 -0.26 1.00
CA GLN B 152 6.90 -0.01 1.44
C GLN B 152 6.88 1.01 2.60
N VAL B 153 7.79 0.86 3.58
CA VAL B 153 7.91 1.78 4.69
C VAL B 153 8.50 3.14 4.26
N ALA B 154 9.61 3.12 3.51
CA ALA B 154 10.29 4.33 3.05
C ALA B 154 9.34 5.26 2.32
N LYS B 155 8.46 4.66 1.50
CA LYS B 155 7.48 5.33 0.64
C LYS B 155 6.71 6.41 1.40
N GLU B 156 6.42 6.16 2.67
CA GLU B 156 5.57 7.00 3.50
C GLU B 156 6.38 8.03 4.29
N GLU B 157 7.71 8.05 4.11
CA GLU B 157 8.58 8.88 4.93
C GLU B 157 9.24 9.92 4.04
N ARG B 158 8.80 10.04 2.78
CA ARG B 158 9.40 11.01 1.87
C ARG B 158 8.39 11.38 0.79
N GLU B 159 8.69 12.46 0.07
CA GLU B 159 7.90 12.93 -1.05
C GLU B 159 7.89 11.87 -2.15
N THR B 160 6.78 11.78 -2.88
CA THR B 160 6.65 10.85 -3.98
C THR B 160 7.34 11.48 -5.21
N PRO B 161 7.98 10.70 -6.13
CA PRO B 161 8.68 11.31 -7.25
C PRO B 161 7.66 11.96 -8.18
N THR B 162 8.17 12.80 -9.09
CA THR B 162 7.36 13.49 -10.08
C THR B 162 7.64 12.84 -11.44
N PRO B 163 6.80 11.90 -11.91
CA PRO B 163 7.08 11.20 -13.16
C PRO B 163 7.32 12.12 -14.36
N ASP B 164 6.61 13.25 -14.45
CA ASP B 164 6.75 14.14 -15.59
C ASP B 164 8.12 14.80 -15.65
N SER B 165 8.93 14.73 -14.59
CA SER B 165 10.27 15.28 -14.63
C SER B 165 11.33 14.19 -14.94
N MET B 166 10.88 12.98 -15.25
CA MET B 166 11.77 11.86 -15.50
C MET B 166 12.10 11.76 -16.99
N PRO B 167 13.34 11.34 -17.33
CA PRO B 167 13.68 11.02 -18.70
C PRO B 167 12.89 9.81 -19.21
N PRO B 168 12.74 9.64 -20.54
CA PRO B 168 11.86 8.64 -21.14
C PRO B 168 11.99 7.19 -20.69
N LEU B 169 13.20 6.64 -20.70
CA LEU B 169 13.40 5.26 -20.31
C LEU B 169 13.13 5.06 -18.80
N LEU B 170 13.55 6.02 -17.98
CA LEU B 170 13.32 5.91 -16.54
C LEU B 170 11.83 6.06 -16.22
N ARG B 171 11.13 6.86 -16.99
CA ARG B 171 9.71 7.03 -16.81
C ARG B 171 9.02 5.71 -17.10
N GLN B 172 9.40 5.06 -18.20
CA GLN B 172 8.88 3.76 -18.56
C GLN B 172 9.15 2.73 -17.46
N ALA B 173 10.36 2.78 -16.90
CA ALA B 173 10.70 1.90 -15.80
C ALA B 173 9.82 2.18 -14.60
N TRP B 174 9.66 3.45 -14.23
CA TRP B 174 8.85 3.83 -13.09
C TRP B 174 7.42 3.30 -13.23
N GLU B 175 6.83 3.54 -14.41
CA GLU B 175 5.50 3.07 -14.74
C GLU B 175 5.39 1.56 -14.54
N LEU B 176 6.41 0.81 -15.02
CA LEU B 176 6.40 -0.64 -14.91
C LEU B 176 6.36 -1.04 -13.43
N LYS B 177 7.22 -0.43 -12.62
CA LYS B 177 7.37 -0.84 -11.23
C LYS B 177 6.15 -0.44 -10.41
N VAL B 178 5.57 0.74 -10.73
CA VAL B 178 4.42 1.21 -9.97
C VAL B 178 3.20 0.36 -10.28
N HIS B 179 3.00 -0.01 -11.56
CA HIS B 179 1.79 -0.68 -11.99
C HIS B 179 1.89 -2.21 -11.90
N GLN B 180 3.08 -2.77 -12.09
CA GLN B 180 3.21 -4.23 -12.06
C GLN B 180 3.61 -4.71 -10.67
N GLY B 181 4.13 -3.83 -9.81
CA GLY B 181 4.54 -4.22 -8.48
C GLY B 181 5.76 -5.13 -8.55
N ALA B 182 6.07 -5.81 -7.45
CA ALA B 182 7.38 -6.42 -7.27
C ALA B 182 7.44 -7.84 -7.83
N GLU B 183 6.31 -8.48 -8.09
CA GLU B 183 6.33 -9.90 -8.47
C GLU B 183 7.04 -10.14 -9.80
N PRO B 184 6.70 -9.42 -10.91
CA PRO B 184 7.40 -9.65 -12.19
C PRO B 184 8.94 -9.50 -12.13
N ALA B 185 9.44 -8.52 -11.37
CA ALA B 185 10.88 -8.33 -11.20
C ALA B 185 11.49 -9.54 -10.49
N PHE B 186 10.79 -10.02 -9.45
CA PHE B 186 11.18 -11.24 -8.75
C PHE B 186 11.19 -12.44 -9.69
N LEU B 187 10.13 -12.64 -10.44
CA LEU B 187 10.08 -13.80 -11.32
C LEU B 187 11.16 -13.68 -12.39
N PHE B 188 11.50 -12.47 -12.81
CA PHE B 188 12.49 -12.33 -13.86
C PHE B 188 13.85 -12.81 -13.35
N GLY B 189 14.25 -12.32 -12.16
CA GLY B 189 15.51 -12.70 -11.55
C GLY B 189 15.57 -14.19 -11.26
N LEU B 190 14.48 -14.78 -10.76
CA LEU B 190 14.46 -16.22 -10.53
C LEU B 190 14.79 -17.00 -11.80
N GLU B 191 14.18 -16.60 -12.93
CA GLU B 191 14.38 -17.26 -14.20
C GLU B 191 15.82 -17.10 -14.67
N LEU B 192 16.44 -15.96 -14.32
CA LEU B 192 17.85 -15.77 -14.63
C LEU B 192 18.69 -16.82 -13.91
N ILE B 193 18.43 -17.00 -12.63
CA ILE B 193 19.21 -17.92 -11.83
C ILE B 193 19.05 -19.34 -12.37
N ILE B 194 17.81 -19.73 -12.68
CA ILE B 194 17.55 -21.05 -13.26
C ILE B 194 18.29 -21.21 -14.60
N ALA B 195 18.25 -20.21 -15.48
CA ALA B 195 18.95 -20.30 -16.75
C ALA B 195 20.47 -20.36 -16.55
N GLY B 196 20.99 -19.63 -15.56
CA GLY B 196 22.39 -19.74 -15.22
C GLY B 196 22.79 -21.15 -14.77
N LEU B 197 21.93 -21.78 -13.97
CA LEU B 197 22.15 -23.12 -13.46
C LEU B 197 22.11 -24.15 -14.61
N GLU B 198 21.25 -23.93 -15.60
CA GLU B 198 21.22 -24.81 -16.76
C GLU B 198 22.55 -24.72 -17.51
N LYS B 199 23.06 -23.49 -17.65
CA LYS B 199 24.32 -23.24 -18.33
C LYS B 199 25.45 -23.91 -17.56
N GLN B 200 25.35 -23.94 -16.22
CA GLN B 200 26.33 -24.60 -15.37
C GLN B 200 26.30 -26.13 -15.55
N LEU B 201 25.12 -26.72 -15.61
CA LEU B 201 25.05 -28.16 -15.88
C LEU B 201 25.68 -28.49 -17.24
N LYS B 202 25.38 -27.69 -18.27
CA LYS B 202 25.93 -27.88 -19.60
C LYS B 202 27.47 -27.83 -19.53
N ARG B 203 28.02 -26.80 -18.86
CA ARG B 203 29.47 -26.70 -18.68
C ARG B 203 30.03 -27.94 -17.95
N GLU B 204 29.34 -28.48 -16.95
CA GLU B 204 29.85 -29.64 -16.23
C GLU B 204 29.56 -30.97 -16.95
N SER B 205 28.81 -30.93 -18.07
CA SER B 205 28.35 -32.12 -18.79
C SER B 205 29.46 -33.17 -18.89
N ARG C 3 -40.42 25.77 26.64
CA ARG C 3 -38.93 25.75 26.48
C ARG C 3 -38.59 24.57 25.57
N LEU C 4 -37.37 24.05 25.68
CA LEU C 4 -36.84 23.06 24.74
C LEU C 4 -36.73 21.68 25.39
N ASP C 5 -36.92 20.63 24.58
CA ASP C 5 -36.30 19.35 24.88
C ASP C 5 -35.62 18.82 23.60
N LYS C 6 -34.91 17.69 23.74
CA LYS C 6 -34.14 17.09 22.67
C LYS C 6 -35.00 16.87 21.42
N SER C 7 -36.19 16.28 21.58
CA SER C 7 -37.01 15.92 20.44
C SER C 7 -37.44 17.15 19.65
N LYS C 8 -37.60 18.29 20.32
CA LYS C 8 -38.03 19.50 19.64
C LYS C 8 -36.86 20.15 18.91
N VAL C 9 -35.69 20.21 19.56
CA VAL C 9 -34.50 20.71 18.90
C VAL C 9 -34.29 19.96 17.58
N ILE C 10 -34.40 18.63 17.61
CA ILE C 10 -33.95 17.82 16.50
C ILE C 10 -34.97 17.84 15.37
N ASN C 11 -36.27 17.82 15.71
CA ASN C 11 -37.30 17.92 14.69
C ASN C 11 -37.20 19.26 13.95
N SER C 12 -36.93 20.34 14.68
CA SER C 12 -36.82 21.64 14.03
C SER C 12 -35.54 21.68 13.19
N ALA C 13 -34.49 21.06 13.71
CA ALA C 13 -33.24 20.97 12.97
C ALA C 13 -33.43 20.17 11.68
N LEU C 14 -34.23 19.09 11.67
CA LEU C 14 -34.47 18.33 10.44
C LEU C 14 -35.23 19.18 9.43
N GLU C 15 -36.16 20.00 9.92
CA GLU C 15 -36.90 20.87 9.02
C GLU C 15 -35.98 21.96 8.46
N LEU C 16 -35.15 22.54 9.33
CA LEU C 16 -34.19 23.53 8.84
C LEU C 16 -33.27 22.92 7.77
N LEU C 17 -32.84 21.66 7.97
CA LEU C 17 -31.99 20.95 7.02
C LEU C 17 -32.64 20.85 5.64
N ASN C 18 -33.92 20.46 5.59
CA ASN C 18 -34.62 20.44 4.32
C ASN C 18 -34.68 21.83 3.70
N GLU C 19 -34.91 22.86 4.52
CA GLU C 19 -35.06 24.23 3.98
C GLU C 19 -33.75 24.78 3.43
N VAL C 20 -32.63 24.63 4.17
CA VAL C 20 -31.41 25.35 3.81
C VAL C 20 -30.29 24.43 3.36
N GLY C 21 -30.29 23.15 3.75
CA GLY C 21 -29.22 22.25 3.33
C GLY C 21 -28.11 22.26 4.37
N ILE C 22 -27.20 21.29 4.29
CA ILE C 22 -26.16 21.20 5.29
C ILE C 22 -25.31 22.48 5.36
N GLU C 23 -25.03 23.10 4.21
CA GLU C 23 -24.12 24.26 4.18
C GLU C 23 -24.78 25.47 4.82
N GLY C 24 -26.10 25.66 4.61
CA GLY C 24 -26.86 26.75 5.18
C GLY C 24 -27.17 26.58 6.68
N LEU C 25 -27.09 25.34 7.19
CA LEU C 25 -27.44 25.07 8.58
C LEU C 25 -26.42 25.68 9.54
N THR C 26 -26.93 26.39 10.58
CA THR C 26 -26.12 26.95 11.64
C THR C 26 -26.89 26.89 12.96
N THR C 27 -26.16 26.81 14.08
CA THR C 27 -26.77 26.81 15.40
C THR C 27 -27.46 28.14 15.63
N ARG C 28 -26.93 29.22 15.05
CA ARG C 28 -27.59 30.52 15.14
C ARG C 28 -28.96 30.49 14.47
N LYS C 29 -29.04 29.94 13.26
CA LYS C 29 -30.32 29.91 12.55
C LYS C 29 -31.29 28.98 13.27
N LEU C 30 -30.78 27.91 13.87
CA LEU C 30 -31.64 26.98 14.60
C LEU C 30 -32.19 27.69 15.83
N ALA C 31 -31.31 28.41 16.56
CA ALA C 31 -31.72 29.17 17.73
C ALA C 31 -32.83 30.16 17.37
N GLN C 32 -32.60 30.91 16.29
CA GLN C 32 -33.60 31.82 15.77
C GLN C 32 -34.91 31.10 15.41
N LYS C 33 -34.83 29.96 14.72
CA LYS C 33 -36.02 29.21 14.34
C LYS C 33 -36.80 28.64 15.54
N LEU C 34 -36.10 28.29 16.63
CA LEU C 34 -36.73 27.74 17.83
C LEU C 34 -37.19 28.89 18.74
N GLY C 35 -36.64 30.09 18.50
CA GLY C 35 -37.04 31.29 19.19
C GLY C 35 -36.47 31.38 20.60
N VAL C 36 -35.20 31.00 20.78
CA VAL C 36 -34.55 31.05 22.09
C VAL C 36 -33.19 31.74 21.96
N GLU C 37 -32.52 31.99 23.10
CA GLU C 37 -31.19 32.60 23.12
C GLU C 37 -30.12 31.55 22.85
N GLN C 38 -28.99 32.02 22.33
CA GLN C 38 -27.90 31.16 21.90
C GLN C 38 -27.51 30.20 23.03
N PRO C 39 -27.22 30.69 24.27
CA PRO C 39 -26.81 29.80 25.36
C PRO C 39 -27.86 28.73 25.66
N THR C 40 -29.14 29.02 25.38
CA THR C 40 -30.22 28.08 25.65
C THR C 40 -30.04 26.84 24.78
N LEU C 41 -29.70 27.07 23.50
CA LEU C 41 -29.57 25.97 22.55
C LEU C 41 -28.25 25.27 22.80
N TYR C 42 -27.28 26.06 23.26
CA TYR C 42 -25.90 25.62 23.39
C TYR C 42 -25.83 24.38 24.29
N TRP C 43 -26.70 24.34 25.33
CA TRP C 43 -26.70 23.25 26.30
C TRP C 43 -27.24 21.98 25.65
N HIS C 44 -28.03 22.12 24.59
CA HIS C 44 -28.48 20.97 23.83
C HIS C 44 -27.43 20.58 22.79
N VAL C 45 -26.90 21.56 22.02
CA VAL C 45 -25.90 21.33 20.98
C VAL C 45 -24.84 22.44 21.00
N LYS C 46 -23.59 22.10 21.32
CA LYS C 46 -22.55 23.09 21.59
C LYS C 46 -22.07 23.79 20.30
N ASN C 47 -22.25 23.14 19.15
CA ASN C 47 -21.72 23.67 17.89
C ASN C 47 -22.32 22.88 16.72
N LYS C 48 -22.03 23.37 15.50
CA LYS C 48 -22.57 22.78 14.30
C LYS C 48 -22.25 21.29 14.23
N ARG C 49 -21.01 20.89 14.56
CA ARG C 49 -20.59 19.49 14.55
C ARG C 49 -21.45 18.65 15.48
N ALA C 50 -21.74 19.14 16.69
CA ALA C 50 -22.62 18.41 17.60
C ALA C 50 -24.03 18.26 17.01
N LEU C 51 -24.52 19.30 16.32
CA LEU C 51 -25.83 19.27 15.69
C LEU C 51 -25.89 18.18 14.61
N LEU C 52 -24.90 18.20 13.71
CA LEU C 52 -24.77 17.18 12.68
C LEU C 52 -24.76 15.78 13.30
N ASP C 53 -24.01 15.61 14.40
CA ASP C 53 -23.83 14.34 15.06
C ASP C 53 -25.16 13.86 15.63
N ALA C 54 -25.98 14.80 16.10
CA ALA C 54 -27.31 14.53 16.64
C ALA C 54 -28.33 14.21 15.54
N LEU C 55 -28.28 14.96 14.44
CA LEU C 55 -29.12 14.74 13.28
C LEU C 55 -28.88 13.33 12.73
N ALA C 56 -27.60 12.93 12.63
CA ALA C 56 -27.27 11.61 12.13
C ALA C 56 -27.89 10.52 13.02
N ILE C 57 -27.65 10.58 14.32
CA ILE C 57 -28.20 9.59 15.23
C ILE C 57 -29.71 9.49 15.08
N GLU C 58 -30.36 10.64 14.97
CA GLU C 58 -31.81 10.68 14.84
C GLU C 58 -32.26 10.02 13.53
N MET C 59 -31.55 10.31 12.42
CA MET C 59 -31.92 9.77 11.13
C MET C 59 -31.82 8.24 11.12
N HIS C 60 -30.70 7.71 11.64
CA HIS C 60 -30.47 6.27 11.61
C HIS C 60 -31.40 5.53 12.57
N ASP C 61 -31.78 6.22 13.63
CA ASP C 61 -32.75 5.69 14.59
C ASP C 61 -34.13 5.59 13.93
N ARG C 62 -34.66 6.74 13.48
CA ARG C 62 -36.01 6.84 12.95
C ARG C 62 -36.16 5.97 11.71
N HIS C 63 -35.10 5.83 10.88
CA HIS C 63 -35.25 5.01 9.69
C HIS C 63 -34.70 3.59 9.88
N GLN C 64 -34.46 3.21 11.14
CA GLN C 64 -34.14 1.85 11.55
C GLN C 64 -32.96 1.25 10.79
N THR C 65 -31.86 2.01 10.68
CA THR C 65 -30.61 1.48 10.15
C THR C 65 -30.28 0.21 10.94
N HIS C 66 -30.01 -0.87 10.21
CA HIS C 66 -29.93 -2.22 10.75
C HIS C 66 -28.53 -2.50 11.31
N TYR C 67 -28.25 -1.98 12.51
CA TYR C 67 -26.94 -2.17 13.13
C TYR C 67 -26.82 -3.55 13.79
N LEU C 68 -27.94 -4.21 14.07
CA LEU C 68 -27.85 -5.46 14.82
C LEU C 68 -28.57 -6.61 14.11
N PRO C 69 -27.98 -7.82 14.11
CA PRO C 69 -28.57 -8.98 13.43
C PRO C 69 -29.92 -9.36 14.02
N LEU C 70 -30.87 -9.75 13.17
CA LEU C 70 -32.07 -10.41 13.67
C LEU C 70 -31.73 -11.85 14.02
N GLU C 71 -32.58 -12.44 14.86
CA GLU C 71 -32.60 -13.87 15.16
C GLU C 71 -32.47 -14.68 13.89
N GLY C 72 -31.41 -15.48 13.81
CA GLY C 72 -31.25 -16.45 12.72
C GLY C 72 -30.86 -15.83 11.38
N GLU C 73 -30.53 -14.53 11.34
CA GLU C 73 -30.11 -13.90 10.09
C GLU C 73 -28.64 -14.24 9.84
N SER C 74 -28.30 -14.65 8.61
CA SER C 74 -26.91 -14.89 8.23
C SER C 74 -26.10 -13.60 8.20
N TRP C 75 -24.78 -13.72 8.33
CA TRP C 75 -23.94 -12.56 8.30
C TRP C 75 -24.06 -11.85 6.95
N GLN C 76 -24.29 -12.60 5.86
CA GLN C 76 -24.43 -12.00 4.55
C GLN C 76 -25.67 -11.13 4.49
N ASP C 77 -26.80 -11.65 4.98
CA ASP C 77 -28.04 -10.89 4.95
C ASP C 77 -27.96 -9.72 5.93
N PHE C 78 -27.28 -9.92 7.07
CA PHE C 78 -27.04 -8.83 7.98
C PHE C 78 -26.38 -7.66 7.25
N LEU C 79 -25.29 -7.90 6.52
CA LEU C 79 -24.53 -6.84 5.89
C LEU C 79 -25.34 -6.19 4.78
N ARG C 80 -26.04 -7.00 3.97
CA ARG C 80 -26.95 -6.48 2.95
C ARG C 80 -27.97 -5.54 3.56
N ASN C 81 -28.62 -5.98 4.67
CA ASN C 81 -29.65 -5.17 5.29
C ASN C 81 -29.09 -3.92 5.96
N PHE C 82 -27.89 -4.04 6.53
CA PHE C 82 -27.16 -2.89 7.03
C PHE C 82 -26.97 -1.87 5.90
N ALA C 83 -26.41 -2.28 4.76
CA ALA C 83 -26.18 -1.38 3.65
C ALA C 83 -27.47 -0.74 3.12
N LYS C 84 -28.46 -1.57 2.80
CA LYS C 84 -29.69 -1.09 2.18
C LYS C 84 -30.42 -0.13 3.09
N SER C 85 -30.49 -0.44 4.38
CA SER C 85 -31.21 0.38 5.33
C SER C 85 -30.47 1.69 5.58
N MET C 86 -29.14 1.62 5.73
CA MET C 86 -28.35 2.83 5.86
C MET C 86 -28.63 3.77 4.68
N ARG C 87 -28.58 3.22 3.47
CA ARG C 87 -28.78 3.97 2.25
C ARG C 87 -30.13 4.70 2.29
N LEU C 88 -31.21 3.96 2.61
CA LEU C 88 -32.53 4.59 2.66
C LEU C 88 -32.60 5.66 3.76
N ALA C 89 -31.97 5.43 4.93
CA ALA C 89 -31.85 6.47 5.95
C ALA C 89 -31.16 7.73 5.43
N LEU C 90 -30.06 7.61 4.69
CA LEU C 90 -29.35 8.76 4.12
C LEU C 90 -30.25 9.50 3.10
N LEU C 91 -30.99 8.74 2.29
CA LEU C 91 -31.80 9.30 1.22
C LEU C 91 -33.10 9.97 1.70
N SER C 92 -33.51 9.75 2.95
CA SER C 92 -34.82 10.20 3.37
C SER C 92 -34.85 11.68 3.76
N HIS C 93 -33.67 12.33 3.78
CA HIS C 93 -33.56 13.74 4.11
C HIS C 93 -32.52 14.40 3.23
N ARG C 94 -32.76 15.67 2.90
CA ARG C 94 -31.77 16.47 2.21
C ARG C 94 -30.43 16.37 2.92
N ASP C 95 -29.38 16.09 2.13
CA ASP C 95 -27.99 16.07 2.58
C ASP C 95 -27.77 15.03 3.67
N GLY C 96 -28.60 13.97 3.68
CA GLY C 96 -28.47 12.97 4.72
C GLY C 96 -27.07 12.35 4.72
N ALA C 97 -26.54 12.03 3.54
CA ALA C 97 -25.23 11.39 3.48
C ALA C 97 -24.15 12.36 3.94
N LYS C 98 -24.29 13.66 3.58
CA LYS C 98 -23.28 14.61 3.99
C LYS C 98 -23.35 14.75 5.50
N VAL C 99 -24.56 14.70 6.09
CA VAL C 99 -24.65 14.76 7.54
C VAL C 99 -23.92 13.57 8.17
N SER C 100 -24.11 12.35 7.62
CA SER C 100 -23.58 11.14 8.21
C SER C 100 -22.08 10.94 7.92
N LEU C 101 -21.54 11.67 6.95
CA LEU C 101 -20.18 11.43 6.49
C LEU C 101 -19.18 11.65 7.62
N GLY C 102 -19.43 12.66 8.48
CA GLY C 102 -18.48 13.08 9.51
C GLY C 102 -18.66 12.38 10.87
N THR C 103 -19.54 11.37 10.96
CA THR C 103 -19.92 10.81 12.25
C THR C 103 -18.98 9.69 12.69
N ARG C 104 -19.10 9.36 13.99
CA ARG C 104 -18.43 8.24 14.61
C ARG C 104 -19.35 7.71 15.71
N TRP C 105 -19.10 6.47 16.15
CA TRP C 105 -19.73 5.89 17.32
C TRP C 105 -19.65 6.86 18.50
N THR C 106 -20.81 7.11 19.13
CA THR C 106 -20.86 7.79 20.42
C THR C 106 -20.82 6.72 21.51
N GLU C 107 -20.44 7.15 22.73
CA GLU C 107 -20.42 6.23 23.87
C GLU C 107 -21.74 5.47 24.00
N GLN C 108 -22.86 6.14 23.73
CA GLN C 108 -24.18 5.53 23.87
C GLN C 108 -24.45 4.45 22.82
N GLN C 109 -23.61 4.35 21.79
CA GLN C 109 -23.73 3.33 20.75
C GLN C 109 -22.67 2.25 20.92
N TYR C 110 -21.79 2.38 21.92
CA TYR C 110 -20.65 1.48 22.02
C TYR C 110 -21.11 0.04 22.14
N GLU C 111 -22.21 -0.20 22.84
CA GLU C 111 -22.67 -1.57 23.03
C GLU C 111 -23.16 -2.13 21.70
N THR C 112 -23.80 -1.29 20.90
CA THR C 112 -24.24 -1.71 19.58
C THR C 112 -23.02 -2.04 18.72
N ALA C 113 -22.06 -1.12 18.62
CA ALA C 113 -20.86 -1.36 17.84
C ALA C 113 -20.13 -2.65 18.27
N GLU C 114 -20.03 -2.89 19.59
CA GLU C 114 -19.38 -4.11 20.09
C GLU C 114 -20.13 -5.38 19.65
N ASN C 115 -21.46 -5.33 19.73
CA ASN C 115 -22.30 -6.45 19.35
C ASN C 115 -22.22 -6.70 17.84
N MET C 116 -22.11 -5.65 17.03
CA MET C 116 -21.92 -5.85 15.60
C MET C 116 -20.59 -6.56 15.32
N LEU C 117 -19.50 -6.11 15.96
CA LEU C 117 -18.21 -6.78 15.82
C LEU C 117 -18.23 -8.19 16.41
N ALA C 118 -18.89 -8.39 17.55
CA ALA C 118 -18.93 -9.71 18.14
C ALA C 118 -19.63 -10.67 17.19
N PHE C 119 -20.69 -10.20 16.52
CA PHE C 119 -21.45 -11.06 15.63
C PHE C 119 -20.60 -11.52 14.44
N LEU C 120 -19.89 -10.58 13.80
CA LEU C 120 -19.01 -10.92 12.70
C LEU C 120 -17.84 -11.82 13.12
N THR C 121 -17.24 -11.56 14.29
CA THR C 121 -16.11 -12.38 14.72
C THR C 121 -16.61 -13.77 15.05
N GLN C 122 -17.83 -13.89 15.59
CA GLN C 122 -18.40 -15.20 15.86
C GLN C 122 -18.52 -16.02 14.57
N GLN C 123 -18.64 -15.38 13.39
CA GLN C 123 -18.71 -16.14 12.15
C GLN C 123 -17.35 -16.68 11.70
N GLY C 124 -16.25 -16.23 12.29
CA GLY C 124 -14.94 -16.69 11.88
C GLY C 124 -14.06 -15.55 11.37
N PHE C 125 -14.65 -14.37 11.08
CA PHE C 125 -13.80 -13.23 10.76
C PHE C 125 -12.93 -12.85 11.95
N SER C 126 -11.67 -12.49 11.66
CA SER C 126 -10.82 -11.82 12.61
C SER C 126 -11.44 -10.48 12.95
N LEU C 127 -11.04 -9.89 14.07
CA LEU C 127 -11.48 -8.55 14.44
C LEU C 127 -11.13 -7.56 13.33
N GLU C 128 -9.90 -7.66 12.80
CA GLU C 128 -9.48 -6.77 11.72
C GLU C 128 -10.43 -6.86 10.53
N ASN C 129 -10.74 -8.08 10.09
CA ASN C 129 -11.58 -8.32 8.91
C ASN C 129 -13.05 -7.96 9.15
N ALA C 130 -13.53 -8.22 10.36
CA ALA C 130 -14.83 -7.74 10.78
C ALA C 130 -14.94 -6.23 10.65
N LEU C 131 -13.95 -5.51 11.17
CA LEU C 131 -13.94 -4.07 11.17
C LEU C 131 -13.93 -3.55 9.73
N TYR C 132 -13.07 -4.13 8.90
CA TYR C 132 -12.84 -3.59 7.56
C TYR C 132 -14.02 -3.95 6.66
N ALA C 133 -14.71 -5.04 6.97
CA ALA C 133 -15.95 -5.41 6.30
C ALA C 133 -17.03 -4.35 6.54
N THR C 134 -17.24 -4.01 7.81
CA THR C 134 -18.28 -3.05 8.17
C THR C 134 -17.91 -1.70 7.55
N ASP C 135 -16.62 -1.35 7.60
CA ASP C 135 -16.19 -0.05 7.07
C ASP C 135 -16.32 0.00 5.54
N ALA C 136 -16.08 -1.13 4.85
CA ALA C 136 -16.23 -1.22 3.41
C ALA C 136 -17.68 -0.95 3.00
N VAL C 137 -18.60 -1.57 3.71
CA VAL C 137 -20.01 -1.37 3.46
C VAL C 137 -20.43 0.07 3.70
N ARG C 138 -19.98 0.67 4.82
CA ARG C 138 -20.25 2.05 5.14
C ARG C 138 -19.72 2.99 4.06
N VAL C 139 -18.44 2.87 3.68
CA VAL C 139 -17.89 3.82 2.74
C VAL C 139 -18.52 3.63 1.37
N PHE C 140 -18.79 2.40 0.96
CA PHE C 140 -19.43 2.15 -0.33
C PHE C 140 -20.82 2.80 -0.37
N THR C 141 -21.59 2.66 0.72
CA THR C 141 -22.94 3.18 0.76
C THR C 141 -22.90 4.71 0.71
N LEU C 142 -22.06 5.30 1.58
CA LEU C 142 -21.85 6.76 1.57
C LEU C 142 -21.45 7.22 0.16
N GLY C 143 -20.42 6.59 -0.39
CA GLY C 143 -19.91 6.98 -1.71
C GLY C 143 -21.02 6.95 -2.79
N ALA C 144 -21.85 5.90 -2.73
CA ALA C 144 -22.84 5.68 -3.79
C ALA C 144 -23.89 6.79 -3.76
N VAL C 145 -24.32 7.16 -2.54
CA VAL C 145 -25.35 8.17 -2.34
C VAL C 145 -24.79 9.57 -2.69
N LEU C 146 -23.57 9.84 -2.21
CA LEU C 146 -22.93 11.12 -2.43
C LEU C 146 -22.66 11.32 -3.91
N LEU C 147 -22.14 10.30 -4.58
CA LEU C 147 -21.88 10.43 -6.01
C LEU C 147 -23.18 10.71 -6.75
N ASP C 148 -24.20 9.91 -6.47
CA ASP C 148 -25.45 10.09 -7.21
C ASP C 148 -26.00 11.51 -7.03
N GLN C 149 -26.03 12.00 -5.77
CA GLN C 149 -26.50 13.33 -5.41
C GLN C 149 -25.78 14.42 -6.22
N GLU C 150 -24.44 14.38 -6.25
CA GLU C 150 -23.66 15.44 -6.87
C GLU C 150 -23.73 15.36 -8.39
N GLN C 151 -23.81 14.14 -8.98
CA GLN C 151 -23.96 13.98 -10.41
C GLN C 151 -25.22 14.70 -10.89
N GLN C 152 -26.32 14.56 -10.12
CA GLN C 152 -27.59 15.20 -10.48
C GLN C 152 -27.43 16.71 -10.48
N VAL C 153 -26.83 17.27 -9.42
CA VAL C 153 -26.58 18.70 -9.35
C VAL C 153 -25.72 19.15 -10.54
N ALA C 154 -24.59 18.45 -10.75
CA ALA C 154 -23.57 18.88 -11.72
C ALA C 154 -24.12 18.89 -13.14
N LYS C 155 -24.92 17.86 -13.47
CA LYS C 155 -25.43 17.75 -14.83
C LYS C 155 -26.30 18.96 -15.23
N GLU C 156 -26.84 19.71 -14.27
CA GLU C 156 -27.62 20.89 -14.60
C GLU C 156 -26.73 22.13 -14.78
N GLU C 157 -25.43 22.04 -14.45
CA GLU C 157 -24.57 23.21 -14.45
C GLU C 157 -23.61 23.20 -15.63
N ARG C 158 -23.91 22.32 -16.59
CA ARG C 158 -23.03 21.98 -17.68
C ARG C 158 -23.90 21.61 -18.87
N GLU C 159 -23.42 21.80 -20.10
CA GLU C 159 -24.22 21.37 -21.25
C GLU C 159 -24.37 19.85 -21.22
N THR C 160 -25.44 19.33 -21.82
CA THR C 160 -25.72 17.90 -21.87
C THR C 160 -24.77 17.26 -22.87
N PRO C 161 -24.27 16.04 -22.61
CA PRO C 161 -23.39 15.38 -23.59
C PRO C 161 -24.17 15.15 -24.88
N THR C 162 -23.44 15.07 -25.99
CA THR C 162 -23.94 14.66 -27.30
C THR C 162 -23.64 13.18 -27.52
N PRO C 163 -24.64 12.29 -27.44
CA PRO C 163 -24.43 10.87 -27.77
C PRO C 163 -23.66 10.61 -29.07
N ASP C 164 -23.96 11.36 -30.14
CA ASP C 164 -23.39 11.02 -31.44
C ASP C 164 -21.91 11.40 -31.52
N SER C 165 -21.39 12.19 -30.56
CA SER C 165 -19.95 12.37 -30.50
C SER C 165 -19.25 11.25 -29.68
N MET C 166 -20.00 10.33 -29.06
CA MET C 166 -19.34 9.31 -28.24
C MET C 166 -18.96 8.11 -29.09
N PRO C 167 -17.77 7.50 -28.87
CA PRO C 167 -17.40 6.27 -29.56
C PRO C 167 -18.27 5.10 -29.09
N PRO C 168 -18.27 3.98 -29.86
CA PRO C 168 -19.31 2.96 -29.72
C PRO C 168 -19.54 2.35 -28.33
N LEU C 169 -18.48 1.94 -27.62
CA LEU C 169 -18.69 1.36 -26.29
C LEU C 169 -19.25 2.42 -25.34
N LEU C 170 -18.69 3.62 -25.41
CA LEU C 170 -19.05 4.64 -24.45
C LEU C 170 -20.51 5.04 -24.67
N ARG C 171 -20.93 5.01 -25.95
CA ARG C 171 -22.28 5.35 -26.29
C ARG C 171 -23.24 4.33 -25.67
N GLN C 172 -22.88 3.04 -25.68
CA GLN C 172 -23.74 2.04 -25.05
C GLN C 172 -23.76 2.24 -23.53
N ALA C 173 -22.60 2.57 -22.96
CA ALA C 173 -22.53 2.77 -21.52
C ALA C 173 -23.40 3.95 -21.10
N TRP C 174 -23.32 5.06 -21.85
CA TRP C 174 -24.15 6.25 -21.64
C TRP C 174 -25.63 5.90 -21.63
N GLU C 175 -26.09 5.17 -22.64
CA GLU C 175 -27.49 4.76 -22.75
C GLU C 175 -27.92 3.91 -21.57
N LEU C 176 -27.10 2.93 -21.21
CA LEU C 176 -27.35 2.13 -20.02
C LEU C 176 -27.55 3.03 -18.80
N LYS C 177 -26.66 4.00 -18.60
CA LYS C 177 -26.65 4.74 -17.34
C LYS C 177 -27.86 5.67 -17.27
N VAL C 178 -28.27 6.24 -18.39
CA VAL C 178 -29.49 7.05 -18.40
C VAL C 178 -30.67 6.20 -17.92
N HIS C 179 -30.77 4.97 -18.42
CA HIS C 179 -31.93 4.11 -18.21
C HIS C 179 -31.97 3.59 -16.77
N GLN C 180 -30.81 3.45 -16.11
CA GLN C 180 -30.66 2.46 -15.04
C GLN C 180 -30.99 3.03 -13.66
N GLY C 181 -30.80 4.33 -13.44
CA GLY C 181 -31.04 4.90 -12.12
C GLY C 181 -29.98 4.43 -11.14
N ALA C 182 -30.21 4.71 -9.84
CA ALA C 182 -29.18 4.66 -8.82
C ALA C 182 -29.05 3.28 -8.19
N GLU C 183 -30.20 2.64 -7.93
CA GLU C 183 -30.23 1.45 -7.10
C GLU C 183 -29.36 0.34 -7.67
N PRO C 184 -29.44 -0.01 -8.98
CA PRO C 184 -28.82 -1.24 -9.48
C PRO C 184 -27.31 -1.24 -9.38
N ALA C 185 -26.73 -0.05 -9.61
CA ALA C 185 -25.31 0.20 -9.39
C ALA C 185 -24.94 -0.10 -7.93
N PHE C 186 -25.73 0.45 -7.00
CA PHE C 186 -25.49 0.27 -5.57
C PHE C 186 -25.57 -1.22 -5.25
N LEU C 187 -26.65 -1.90 -5.67
CA LEU C 187 -26.82 -3.31 -5.41
C LEU C 187 -25.72 -4.15 -6.07
N PHE C 188 -25.33 -3.81 -7.29
CA PHE C 188 -24.27 -4.54 -7.97
C PHE C 188 -22.98 -4.52 -7.13
N GLY C 189 -22.60 -3.34 -6.64
CA GLY C 189 -21.39 -3.18 -5.84
C GLY C 189 -21.50 -3.89 -4.49
N LEU C 190 -22.64 -3.75 -3.82
CA LEU C 190 -22.90 -4.42 -2.55
C LEU C 190 -22.69 -5.93 -2.70
N GLU C 191 -23.15 -6.50 -3.81
CA GLU C 191 -23.06 -7.94 -4.02
C GLU C 191 -21.62 -8.35 -4.31
N LEU C 192 -20.84 -7.48 -4.97
CA LEU C 192 -19.42 -7.74 -5.09
C LEU C 192 -18.77 -7.85 -3.71
N ILE C 193 -19.06 -6.90 -2.83
CA ILE C 193 -18.41 -6.88 -1.52
C ILE C 193 -18.78 -8.15 -0.72
N ILE C 194 -20.04 -8.54 -0.74
CA ILE C 194 -20.46 -9.72 0.02
C ILE C 194 -19.79 -10.96 -0.55
N ALA C 195 -19.77 -11.10 -1.88
CA ALA C 195 -19.09 -12.23 -2.51
C ALA C 195 -17.62 -12.25 -2.13
N GLY C 196 -16.98 -11.07 -2.11
CA GLY C 196 -15.58 -10.95 -1.71
C GLY C 196 -15.37 -11.42 -0.28
N LEU C 197 -16.26 -11.03 0.64
CA LEU C 197 -16.14 -11.41 2.03
C LEU C 197 -16.28 -12.93 2.19
N GLU C 198 -17.14 -13.56 1.39
CA GLU C 198 -17.35 -15.00 1.44
C GLU C 198 -16.06 -15.73 1.13
N LYS C 199 -15.33 -15.27 0.11
CA LYS C 199 -14.03 -15.82 -0.20
C LYS C 199 -13.09 -15.59 0.98
N GLN C 200 -13.13 -14.39 1.58
CA GLN C 200 -12.27 -14.08 2.70
C GLN C 200 -12.50 -15.06 3.85
N LEU C 201 -13.77 -15.29 4.19
CA LEU C 201 -14.12 -16.11 5.33
C LEU C 201 -13.58 -17.54 5.15
N LYS C 202 -13.68 -18.11 3.95
CA LYS C 202 -12.84 -19.25 3.58
C LYS C 202 -11.39 -18.78 3.33
N ALA D 2 0.55 40.60 -18.75
CA ALA D 2 0.94 39.42 -19.56
C ALA D 2 -0.26 38.49 -19.73
N ARG D 3 -0.11 37.60 -20.69
CA ARG D 3 -1.14 36.65 -21.10
C ARG D 3 -1.44 35.68 -19.96
N LEU D 4 -2.73 35.54 -19.62
CA LEU D 4 -3.15 34.54 -18.65
C LEU D 4 -3.26 33.19 -19.35
N ASP D 5 -2.37 32.27 -18.97
CA ASP D 5 -2.39 30.89 -19.45
C ASP D 5 -3.24 30.01 -18.52
N LYS D 6 -3.84 28.98 -19.11
CA LYS D 6 -4.66 28.02 -18.39
C LYS D 6 -3.87 27.40 -17.23
N SER D 7 -2.59 27.11 -17.44
CA SER D 7 -1.83 26.41 -16.39
C SER D 7 -1.68 27.30 -15.15
N LYS D 8 -1.62 28.61 -15.37
CA LYS D 8 -1.57 29.58 -14.29
C LYS D 8 -2.92 29.64 -13.56
N VAL D 9 -4.02 29.64 -14.31
CA VAL D 9 -5.36 29.61 -13.73
C VAL D 9 -5.53 28.41 -12.79
N ILE D 10 -5.17 27.22 -13.27
CA ILE D 10 -5.33 25.97 -12.52
C ILE D 10 -4.39 25.90 -11.33
N ASN D 11 -3.11 26.28 -11.49
CA ASN D 11 -2.18 26.32 -10.37
C ASN D 11 -2.69 27.24 -9.28
N SER D 12 -3.09 28.44 -9.68
CA SER D 12 -3.64 29.35 -8.71
C SER D 12 -4.90 28.79 -8.03
N ALA D 13 -5.78 28.15 -8.82
CA ALA D 13 -7.04 27.62 -8.32
C ALA D 13 -6.82 26.47 -7.32
N LEU D 14 -5.79 25.65 -7.53
CA LEU D 14 -5.46 24.59 -6.59
C LEU D 14 -4.92 25.15 -5.28
N GLU D 15 -4.22 26.29 -5.35
CA GLU D 15 -3.76 26.96 -4.14
C GLU D 15 -4.94 27.55 -3.38
N LEU D 16 -5.85 28.21 -4.10
CA LEU D 16 -7.06 28.74 -3.50
C LEU D 16 -7.87 27.61 -2.85
N LEU D 17 -7.99 26.47 -3.56
CA LEU D 17 -8.68 25.32 -3.01
C LEU D 17 -8.09 24.90 -1.65
N ASN D 18 -6.75 24.86 -1.56
CA ASN D 18 -6.11 24.52 -0.28
C ASN D 18 -6.42 25.59 0.76
N GLU D 19 -6.52 26.87 0.35
CA GLU D 19 -6.72 27.97 1.29
C GLU D 19 -8.15 27.99 1.80
N VAL D 20 -9.16 27.87 0.93
CA VAL D 20 -10.54 28.15 1.34
C VAL D 20 -11.44 26.91 1.26
N GLY D 21 -11.01 25.77 0.70
CA GLY D 21 -11.88 24.60 0.59
C GLY D 21 -12.86 24.76 -0.56
N ILE D 22 -13.58 23.67 -0.91
CA ILE D 22 -14.37 23.65 -2.13
C ILE D 22 -15.56 24.61 -1.97
N GLU D 23 -16.16 24.69 -0.78
CA GLU D 23 -17.35 25.51 -0.62
C GLU D 23 -17.01 26.99 -0.76
N GLY D 24 -15.81 27.38 -0.29
CA GLY D 24 -15.38 28.77 -0.39
C GLY D 24 -14.86 29.17 -1.77
N LEU D 25 -14.58 28.20 -2.65
CA LEU D 25 -13.94 28.50 -3.92
C LEU D 25 -14.94 29.22 -4.83
N THR D 26 -14.56 30.36 -5.41
CA THR D 26 -15.44 31.02 -6.37
C THR D 26 -14.60 31.61 -7.50
N THR D 27 -15.23 31.79 -8.67
CA THR D 27 -14.53 32.37 -9.82
C THR D 27 -14.14 33.82 -9.49
N ARG D 28 -15.00 34.53 -8.74
CA ARG D 28 -14.73 35.89 -8.30
C ARG D 28 -13.45 35.92 -7.47
N LYS D 29 -13.32 35.01 -6.49
CA LYS D 29 -12.11 34.98 -5.68
C LYS D 29 -10.90 34.57 -6.51
N LEU D 30 -11.08 33.64 -7.46
CA LEU D 30 -9.93 33.26 -8.27
C LEU D 30 -9.47 34.47 -9.11
N ALA D 31 -10.43 35.18 -9.72
CA ALA D 31 -10.12 36.34 -10.53
C ALA D 31 -9.33 37.37 -9.70
N GLN D 32 -9.75 37.59 -8.45
CA GLN D 32 -9.05 38.52 -7.56
C GLN D 32 -7.64 38.03 -7.24
N LYS D 33 -7.47 36.73 -6.99
CA LYS D 33 -6.14 36.21 -6.70
C LYS D 33 -5.22 36.37 -7.90
N LEU D 34 -5.76 36.17 -9.10
CA LEU D 34 -4.99 36.27 -10.32
C LEU D 34 -4.72 37.74 -10.66
N GLY D 35 -5.53 38.64 -10.11
CA GLY D 35 -5.50 40.05 -10.45
C GLY D 35 -5.97 40.32 -11.87
N VAL D 36 -7.09 39.72 -12.28
CA VAL D 36 -7.61 39.96 -13.62
C VAL D 36 -9.10 40.27 -13.54
N GLU D 37 -9.59 40.89 -14.61
CA GLU D 37 -11.00 41.21 -14.75
C GLU D 37 -11.77 39.92 -15.01
N GLN D 38 -13.08 39.94 -14.75
CA GLN D 38 -13.91 38.75 -14.80
C GLN D 38 -13.98 38.13 -16.22
N PRO D 39 -14.09 38.87 -17.35
CA PRO D 39 -14.11 38.23 -18.67
C PRO D 39 -12.81 37.50 -19.04
N THR D 40 -11.68 37.99 -18.52
CA THR D 40 -10.36 37.44 -18.77
C THR D 40 -10.28 36.02 -18.23
N LEU D 41 -10.86 35.79 -17.03
CA LEU D 41 -10.90 34.47 -16.39
C LEU D 41 -11.96 33.63 -17.06
N TYR D 42 -13.07 34.26 -17.45
CA TYR D 42 -14.20 33.58 -18.06
C TYR D 42 -13.82 32.80 -19.33
N TRP D 43 -12.84 33.30 -20.10
CA TRP D 43 -12.36 32.58 -21.28
C TRP D 43 -11.79 31.22 -20.88
N HIS D 44 -11.24 31.08 -19.65
CA HIS D 44 -10.69 29.82 -19.20
C HIS D 44 -11.73 28.97 -18.45
N VAL D 45 -12.53 29.58 -17.58
CA VAL D 45 -13.52 28.84 -16.81
C VAL D 45 -14.77 29.72 -16.74
N LYS D 46 -15.87 29.21 -17.31
CA LYS D 46 -17.08 30.00 -17.46
C LYS D 46 -17.87 30.09 -16.15
N ASN D 47 -17.67 29.15 -15.21
CA ASN D 47 -18.38 29.12 -13.95
C ASN D 47 -17.67 28.17 -12.99
N LYS D 48 -18.18 28.11 -11.75
CA LYS D 48 -17.60 27.29 -10.71
C LYS D 48 -17.61 25.81 -11.12
N ARG D 49 -18.69 25.34 -11.74
CA ARG D 49 -18.73 23.95 -12.22
C ARG D 49 -17.57 23.65 -13.19
N ALA D 50 -17.35 24.51 -14.20
CA ALA D 50 -16.23 24.40 -15.12
C ALA D 50 -14.87 24.40 -14.38
N LEU D 51 -14.73 25.21 -13.33
CA LEU D 51 -13.51 25.27 -12.56
C LEU D 51 -13.29 23.93 -11.85
N LEU D 52 -14.31 23.41 -11.18
CA LEU D 52 -14.19 22.12 -10.53
C LEU D 52 -13.82 21.03 -11.54
N ASP D 53 -14.39 21.08 -12.74
CA ASP D 53 -14.15 20.04 -13.74
C ASP D 53 -12.68 20.12 -14.14
N ALA D 54 -12.18 21.35 -14.32
CA ALA D 54 -10.79 21.56 -14.68
C ALA D 54 -9.84 21.14 -13.56
N LEU D 55 -10.20 21.40 -12.29
CA LEU D 55 -9.34 21.07 -11.16
C LEU D 55 -9.20 19.56 -11.06
N ALA D 56 -10.32 18.84 -11.25
CA ALA D 56 -10.31 17.38 -11.21
C ALA D 56 -9.39 16.78 -12.27
N ILE D 57 -9.53 17.24 -13.52
CA ILE D 57 -8.67 16.80 -14.60
C ILE D 57 -7.19 16.95 -14.26
N GLU D 58 -6.83 18.14 -13.78
CA GLU D 58 -5.45 18.45 -13.46
C GLU D 58 -4.96 17.56 -12.32
N MET D 59 -5.76 17.34 -11.26
CA MET D 59 -5.33 16.48 -10.17
C MET D 59 -5.04 15.08 -10.67
N HIS D 60 -5.93 14.55 -11.50
CA HIS D 60 -5.78 13.19 -12.02
C HIS D 60 -4.61 13.12 -13.00
N ASP D 61 -4.36 14.18 -13.76
CA ASP D 61 -3.24 14.17 -14.71
C ASP D 61 -1.93 14.16 -13.94
N ARG D 62 -1.81 15.10 -13.01
CA ARG D 62 -0.60 15.37 -12.28
C ARG D 62 -0.24 14.20 -11.35
N HIS D 63 -1.24 13.41 -10.90
CA HIS D 63 -0.97 12.25 -10.05
C HIS D 63 -1.08 10.92 -10.80
N GLN D 64 -1.14 10.96 -12.14
CA GLN D 64 -1.12 9.78 -12.99
C GLN D 64 -2.25 8.81 -12.61
N THR D 65 -3.48 9.30 -12.43
CA THR D 65 -4.58 8.37 -12.28
C THR D 65 -4.56 7.38 -13.44
N HIS D 66 -4.66 6.06 -13.12
CA HIS D 66 -4.34 4.99 -14.06
C HIS D 66 -5.57 4.59 -14.85
N TYR D 67 -5.83 5.35 -15.93
CA TYR D 67 -6.96 5.10 -16.82
C TYR D 67 -6.59 4.14 -17.95
N LEU D 68 -5.30 4.10 -18.30
CA LEU D 68 -4.79 3.40 -19.48
C LEU D 68 -4.05 2.16 -19.02
N PRO D 69 -4.53 0.93 -19.29
CA PRO D 69 -3.78 -0.26 -18.90
C PRO D 69 -2.42 -0.36 -19.61
N LEU D 70 -1.41 -0.87 -18.89
CA LEU D 70 -0.13 -1.20 -19.52
C LEU D 70 -0.28 -2.49 -20.33
N GLU D 71 0.55 -2.69 -21.36
CA GLU D 71 0.60 -3.95 -22.08
C GLU D 71 0.80 -5.09 -21.08
N GLY D 72 -0.09 -6.10 -21.15
CA GLY D 72 0.02 -7.29 -20.32
C GLY D 72 -0.28 -7.04 -18.84
N GLU D 73 -0.95 -5.92 -18.52
CA GLU D 73 -1.56 -5.76 -17.20
C GLU D 73 -2.84 -6.60 -17.19
N SER D 74 -3.03 -7.42 -16.16
CA SER D 74 -4.31 -8.08 -15.94
C SER D 74 -5.39 -7.06 -15.54
N TRP D 75 -6.66 -7.43 -15.72
CA TRP D 75 -7.76 -6.57 -15.34
C TRP D 75 -7.78 -6.34 -13.84
N GLN D 76 -7.39 -7.36 -13.05
CA GLN D 76 -7.36 -7.24 -11.59
C GLN D 76 -6.33 -6.20 -11.19
N ASP D 77 -5.14 -6.29 -11.78
CA ASP D 77 -4.12 -5.30 -11.51
C ASP D 77 -4.55 -3.93 -12.02
N PHE D 78 -5.12 -3.86 -13.22
CA PHE D 78 -5.60 -2.59 -13.71
C PHE D 78 -6.57 -1.91 -12.73
N LEU D 79 -7.61 -2.61 -12.29
CA LEU D 79 -8.58 -2.02 -11.36
C LEU D 79 -7.90 -1.62 -10.05
N ARG D 80 -7.00 -2.46 -9.50
CA ARG D 80 -6.28 -2.07 -8.30
C ARG D 80 -5.50 -0.79 -8.52
N ASN D 81 -4.82 -0.67 -9.67
CA ASN D 81 -3.99 0.49 -9.95
C ASN D 81 -4.85 1.74 -10.16
N PHE D 82 -5.95 1.58 -10.88
CA PHE D 82 -6.91 2.67 -11.04
C PHE D 82 -7.32 3.22 -9.67
N ALA D 83 -7.78 2.33 -8.79
CA ALA D 83 -8.26 2.75 -7.48
C ALA D 83 -7.16 3.42 -6.64
N LYS D 84 -6.00 2.79 -6.55
CA LYS D 84 -4.93 3.31 -5.71
C LYS D 84 -4.44 4.67 -6.17
N SER D 85 -4.24 4.81 -7.49
CA SER D 85 -3.74 6.05 -8.04
C SER D 85 -4.80 7.15 -7.93
N MET D 86 -6.08 6.80 -8.16
CA MET D 86 -7.13 7.79 -8.01
C MET D 86 -7.16 8.27 -6.56
N ARG D 87 -6.99 7.32 -5.63
CA ARG D 87 -7.07 7.65 -4.23
C ARG D 87 -6.00 8.69 -3.91
N LEU D 88 -4.76 8.43 -4.34
CA LEU D 88 -3.66 9.35 -4.05
C LEU D 88 -3.93 10.72 -4.69
N ALA D 89 -4.46 10.77 -5.92
CA ALA D 89 -4.85 12.02 -6.55
C ALA D 89 -5.86 12.80 -5.71
N LEU D 90 -6.89 12.11 -5.21
CA LEU D 90 -7.92 12.76 -4.42
C LEU D 90 -7.34 13.31 -3.13
N LEU D 91 -6.41 12.56 -2.52
CA LEU D 91 -5.85 12.95 -1.23
C LEU D 91 -4.83 14.07 -1.41
N SER D 92 -4.43 14.42 -2.65
CA SER D 92 -3.38 15.40 -2.91
C SER D 92 -3.79 16.84 -2.59
N HIS D 93 -5.08 17.13 -2.49
CA HIS D 93 -5.55 18.48 -2.23
C HIS D 93 -6.71 18.46 -1.27
N ARG D 94 -6.90 19.57 -0.57
CA ARG D 94 -8.04 19.80 0.29
C ARG D 94 -9.32 19.57 -0.51
N ASP D 95 -10.23 18.76 0.04
CA ASP D 95 -11.53 18.46 -0.54
C ASP D 95 -11.45 17.82 -1.92
N GLY D 96 -10.30 17.19 -2.21
CA GLY D 96 -10.04 16.58 -3.51
C GLY D 96 -11.14 15.60 -3.91
N ALA D 97 -11.63 14.77 -2.98
CA ALA D 97 -12.70 13.83 -3.31
C ALA D 97 -13.97 14.59 -3.72
N LYS D 98 -14.33 15.63 -2.95
CA LYS D 98 -15.51 16.43 -3.26
C LYS D 98 -15.34 17.08 -4.63
N VAL D 99 -14.13 17.46 -5.03
CA VAL D 99 -13.95 18.15 -6.28
C VAL D 99 -14.22 17.18 -7.44
N SER D 100 -13.87 15.89 -7.28
CA SER D 100 -14.03 14.90 -8.32
C SER D 100 -15.43 14.29 -8.38
N LEU D 101 -16.19 14.47 -7.29
CA LEU D 101 -17.45 13.78 -7.06
C LEU D 101 -18.45 14.05 -8.19
N GLY D 102 -18.46 15.28 -8.73
CA GLY D 102 -19.47 15.65 -9.73
C GLY D 102 -18.97 15.51 -11.17
N THR D 103 -17.77 14.98 -11.38
CA THR D 103 -17.17 14.97 -12.71
C THR D 103 -17.71 13.84 -13.59
N ARG D 104 -17.48 14.02 -14.89
CA ARG D 104 -17.78 13.01 -15.90
C ARG D 104 -16.72 13.10 -17.01
N TRP D 105 -16.54 12.04 -17.76
CA TRP D 105 -15.71 12.06 -18.95
C TRP D 105 -16.04 13.31 -19.78
N THR D 106 -15.00 14.07 -20.12
CA THR D 106 -15.10 15.08 -21.16
C THR D 106 -14.84 14.43 -22.52
N GLU D 107 -15.17 15.19 -23.58
CA GLU D 107 -14.98 14.71 -24.94
C GLU D 107 -13.51 14.41 -25.22
N GLN D 108 -12.58 15.19 -24.65
CA GLN D 108 -11.16 14.94 -24.81
C GLN D 108 -10.74 13.62 -24.15
N GLN D 109 -11.52 13.09 -23.19
CA GLN D 109 -11.16 11.83 -22.54
C GLN D 109 -11.89 10.62 -23.15
N TYR D 110 -12.69 10.85 -24.20
CA TYR D 110 -13.58 9.80 -24.70
C TYR D 110 -12.78 8.60 -25.19
N GLU D 111 -11.66 8.84 -25.86
CA GLU D 111 -10.81 7.78 -26.37
C GLU D 111 -10.23 6.97 -25.22
N THR D 112 -9.84 7.65 -24.13
CA THR D 112 -9.35 7.00 -22.91
C THR D 112 -10.42 6.13 -22.29
N ALA D 113 -11.62 6.69 -22.12
CA ALA D 113 -12.73 5.96 -21.53
C ALA D 113 -13.10 4.73 -22.35
N GLU D 114 -13.13 4.89 -23.67
CA GLU D 114 -13.43 3.79 -24.58
C GLU D 114 -12.39 2.67 -24.46
N ASN D 115 -11.10 3.05 -24.45
CA ASN D 115 -10.02 2.07 -24.29
C ASN D 115 -10.15 1.28 -22.99
N MET D 116 -10.63 1.92 -21.93
CA MET D 116 -10.80 1.24 -20.66
C MET D 116 -11.90 0.18 -20.77
N LEU D 117 -13.00 0.55 -21.43
CA LEU D 117 -14.12 -0.39 -21.56
C LEU D 117 -13.72 -1.48 -22.54
N ALA D 118 -12.96 -1.11 -23.57
CA ALA D 118 -12.47 -2.08 -24.54
C ALA D 118 -11.58 -3.10 -23.83
N PHE D 119 -10.68 -2.61 -22.97
CA PHE D 119 -9.78 -3.49 -22.22
C PHE D 119 -10.57 -4.48 -21.36
N LEU D 120 -11.56 -3.98 -20.59
CA LEU D 120 -12.30 -4.86 -19.69
C LEU D 120 -13.15 -5.88 -20.44
N THR D 121 -13.77 -5.48 -21.57
CA THR D 121 -14.57 -6.39 -22.34
C THR D 121 -13.69 -7.43 -23.04
N GLN D 122 -12.46 -7.07 -23.44
CA GLN D 122 -11.55 -8.01 -24.05
C GLN D 122 -11.13 -9.08 -23.05
N GLN D 123 -11.22 -8.78 -21.75
CA GLN D 123 -10.86 -9.71 -20.70
C GLN D 123 -12.04 -10.62 -20.38
N GLY D 124 -13.21 -10.37 -20.98
CA GLY D 124 -14.31 -11.32 -20.87
C GLY D 124 -15.52 -10.73 -20.14
N PHE D 125 -15.46 -9.49 -19.66
CA PHE D 125 -16.60 -8.85 -19.03
C PHE D 125 -17.60 -8.43 -20.12
N SER D 126 -18.90 -8.61 -19.86
CA SER D 126 -19.92 -7.95 -20.66
C SER D 126 -19.72 -6.43 -20.55
N LEU D 127 -20.24 -5.66 -21.50
CA LEU D 127 -20.10 -4.22 -21.43
C LEU D 127 -20.73 -3.67 -20.15
N GLU D 128 -21.90 -4.21 -19.80
CA GLU D 128 -22.62 -3.84 -18.59
C GLU D 128 -21.78 -4.10 -17.34
N ASN D 129 -21.15 -5.27 -17.27
CA ASN D 129 -20.37 -5.55 -16.09
C ASN D 129 -19.06 -4.75 -16.06
N ALA D 130 -18.45 -4.47 -17.22
CA ALA D 130 -17.26 -3.65 -17.27
C ALA D 130 -17.58 -2.27 -16.70
N LEU D 131 -18.72 -1.73 -17.13
CA LEU D 131 -19.19 -0.41 -16.72
C LEU D 131 -19.45 -0.36 -15.22
N TYR D 132 -20.22 -1.34 -14.72
CA TYR D 132 -20.55 -1.40 -13.29
C TYR D 132 -19.33 -1.68 -12.42
N ALA D 133 -18.36 -2.45 -12.96
CA ALA D 133 -17.13 -2.73 -12.24
C ALA D 133 -16.33 -1.44 -12.05
N THR D 134 -16.14 -0.65 -13.10
CA THR D 134 -15.39 0.60 -13.01
C THR D 134 -16.12 1.55 -12.07
N ASP D 135 -17.46 1.59 -12.19
CA ASP D 135 -18.26 2.46 -11.34
C ASP D 135 -18.18 2.05 -9.87
N ALA D 136 -18.15 0.75 -9.60
CA ALA D 136 -18.01 0.27 -8.24
C ALA D 136 -16.67 0.70 -7.64
N VAL D 137 -15.59 0.51 -8.41
CA VAL D 137 -14.27 0.84 -7.91
C VAL D 137 -14.22 2.37 -7.72
N ARG D 138 -14.78 3.12 -8.68
CA ARG D 138 -14.82 4.57 -8.58
C ARG D 138 -15.59 5.01 -7.32
N VAL D 139 -16.75 4.39 -7.08
CA VAL D 139 -17.59 4.76 -5.95
C VAL D 139 -16.88 4.46 -4.63
N PHE D 140 -16.31 3.25 -4.52
CA PHE D 140 -15.63 2.87 -3.30
C PHE D 140 -14.49 3.83 -2.96
N THR D 141 -13.70 4.17 -3.98
CA THR D 141 -12.54 5.04 -3.82
C THR D 141 -12.97 6.43 -3.39
N LEU D 142 -13.92 7.02 -4.12
CA LEU D 142 -14.53 8.29 -3.72
C LEU D 142 -14.97 8.23 -2.26
N GLY D 143 -15.72 7.20 -1.92
CA GLY D 143 -16.28 7.07 -0.59
C GLY D 143 -15.21 7.02 0.50
N ALA D 144 -14.16 6.22 0.27
CA ALA D 144 -13.08 6.11 1.24
C ALA D 144 -12.40 7.46 1.50
N VAL D 145 -12.11 8.24 0.44
CA VAL D 145 -11.40 9.51 0.60
C VAL D 145 -12.35 10.56 1.15
N LEU D 146 -13.63 10.57 0.72
CA LEU D 146 -14.62 11.47 1.29
C LEU D 146 -14.69 11.31 2.81
N LEU D 147 -14.78 10.06 3.26
CA LEU D 147 -14.88 9.77 4.67
C LEU D 147 -13.56 10.18 5.35
N ASP D 148 -12.41 9.82 4.78
CA ASP D 148 -11.09 10.20 5.30
C ASP D 148 -11.00 11.73 5.45
N GLN D 149 -11.33 12.47 4.39
CA GLN D 149 -11.15 13.92 4.41
C GLN D 149 -12.17 14.61 5.33
N GLU D 150 -13.37 14.04 5.46
CA GLU D 150 -14.37 14.64 6.35
C GLU D 150 -14.02 14.34 7.81
N GLN D 151 -13.56 13.11 8.09
CA GLN D 151 -13.19 12.75 9.44
C GLN D 151 -12.04 13.64 9.95
N GLN D 152 -11.13 14.08 9.07
CA GLN D 152 -10.01 14.94 9.46
C GLN D 152 -10.50 16.31 9.93
N VAL D 153 -11.52 16.85 9.29
CA VAL D 153 -12.16 18.09 9.71
C VAL D 153 -12.96 17.87 10.99
N ALA D 154 -13.74 16.78 11.06
CA ALA D 154 -14.67 16.60 12.18
C ALA D 154 -13.90 16.41 13.48
N LYS D 155 -12.75 15.75 13.37
CA LYS D 155 -11.88 15.43 14.49
C LYS D 155 -11.52 16.65 15.35
N GLU D 156 -11.43 17.82 14.71
CA GLU D 156 -11.03 19.05 15.36
C GLU D 156 -12.22 19.79 15.96
N GLU D 157 -13.45 19.30 15.75
CA GLU D 157 -14.64 20.06 16.11
C GLU D 157 -15.36 19.36 17.26
N ARG D 158 -14.74 18.34 17.85
CA ARG D 158 -15.33 17.61 18.96
C ARG D 158 -14.19 17.04 19.79
N GLU D 159 -14.46 16.64 21.03
CA GLU D 159 -13.44 16.05 21.90
C GLU D 159 -12.98 14.68 21.41
N THR D 160 -11.74 14.30 21.75
CA THR D 160 -11.19 13.02 21.40
C THR D 160 -11.95 11.95 22.19
N PRO D 161 -12.24 10.75 21.63
CA PRO D 161 -12.90 9.70 22.40
C PRO D 161 -11.96 9.28 23.53
N THR D 162 -12.48 8.55 24.52
CA THR D 162 -11.64 8.08 25.59
C THR D 162 -11.57 6.57 25.46
N PRO D 163 -10.46 6.00 24.92
CA PRO D 163 -10.35 4.57 24.67
C PRO D 163 -10.61 3.68 25.88
N ASP D 164 -10.31 4.19 27.08
CA ASP D 164 -10.43 3.38 28.29
C ASP D 164 -11.91 3.11 28.60
N SER D 165 -12.82 3.80 27.93
CA SER D 165 -14.23 3.58 28.21
C SER D 165 -14.88 2.75 27.10
N MET D 166 -14.06 2.24 26.18
CA MET D 166 -14.57 1.45 25.08
C MET D 166 -14.62 -0.01 25.49
N PRO D 167 -15.62 -0.80 25.02
CA PRO D 167 -15.61 -2.25 25.18
C PRO D 167 -14.45 -2.91 24.42
N PRO D 168 -14.11 -4.17 24.72
CA PRO D 168 -12.87 -4.75 24.21
C PRO D 168 -12.66 -4.78 22.69
N LEU D 169 -13.66 -5.23 21.92
CA LEU D 169 -13.43 -5.39 20.48
C LEU D 169 -13.35 -4.02 19.85
N LEU D 170 -14.19 -3.11 20.34
CA LEU D 170 -14.21 -1.75 19.81
C LEU D 170 -12.87 -1.07 20.07
N ARG D 171 -12.34 -1.29 21.28
CA ARG D 171 -11.06 -0.71 21.64
C ARG D 171 -9.99 -1.22 20.68
N GLN D 172 -9.99 -2.53 20.42
CA GLN D 172 -9.05 -3.14 19.48
C GLN D 172 -9.20 -2.50 18.10
N ALA D 173 -10.46 -2.31 17.66
CA ALA D 173 -10.72 -1.69 16.36
C ALA D 173 -10.16 -0.27 16.28
N TRP D 174 -10.38 0.53 17.34
CA TRP D 174 -9.94 1.90 17.46
C TRP D 174 -8.42 1.96 17.36
N GLU D 175 -7.79 1.06 18.11
CA GLU D 175 -6.34 0.99 18.20
C GLU D 175 -5.77 0.66 16.84
N LEU D 176 -6.41 -0.26 16.13
CA LEU D 176 -5.91 -0.68 14.83
C LEU D 176 -5.94 0.49 13.84
N LYS D 177 -7.04 1.26 13.88
CA LYS D 177 -7.18 2.35 12.93
C LYS D 177 -6.20 3.47 13.22
N VAL D 178 -6.09 3.85 14.50
CA VAL D 178 -5.06 4.80 14.94
C VAL D 178 -3.68 4.35 14.44
N HIS D 179 -3.29 3.09 14.66
CA HIS D 179 -1.94 2.61 14.35
C HIS D 179 -1.72 2.46 12.84
N GLN D 180 -2.71 2.01 12.07
CA GLN D 180 -2.49 1.66 10.67
C GLN D 180 -2.87 2.80 9.73
N GLY D 181 -3.68 3.76 10.18
CA GLY D 181 -4.26 4.75 9.28
C GLY D 181 -5.24 4.07 8.32
N ALA D 182 -5.65 4.79 7.26
CA ALA D 182 -6.84 4.44 6.49
C ALA D 182 -6.53 3.53 5.31
N GLU D 183 -5.26 3.35 4.92
CA GLU D 183 -4.93 2.63 3.70
C GLU D 183 -5.27 1.14 3.79
N PRO D 184 -4.94 0.42 4.88
CA PRO D 184 -5.24 -1.01 4.91
C PRO D 184 -6.74 -1.34 4.75
N ALA D 185 -7.60 -0.56 5.40
CA ALA D 185 -9.05 -0.67 5.24
C ALA D 185 -9.46 -0.46 3.79
N PHE D 186 -8.83 0.51 3.12
CA PHE D 186 -9.14 0.77 1.73
C PHE D 186 -8.68 -0.41 0.87
N LEU D 187 -7.45 -0.90 1.09
CA LEU D 187 -6.94 -1.98 0.26
C LEU D 187 -7.79 -3.22 0.47
N PHE D 188 -8.32 -3.40 1.69
CA PHE D 188 -9.09 -4.59 2.02
C PHE D 188 -10.39 -4.57 1.24
N GLY D 189 -11.08 -3.44 1.29
CA GLY D 189 -12.30 -3.30 0.53
C GLY D 189 -12.07 -3.46 -0.97
N LEU D 190 -10.97 -2.90 -1.49
CA LEU D 190 -10.66 -3.01 -2.92
C LEU D 190 -10.51 -4.47 -3.33
N GLU D 191 -9.84 -5.28 -2.50
CA GLU D 191 -9.69 -6.71 -2.74
C GLU D 191 -11.00 -7.48 -2.66
N LEU D 192 -11.93 -7.08 -1.78
CA LEU D 192 -13.27 -7.64 -1.77
C LEU D 192 -13.94 -7.45 -3.13
N ILE D 193 -13.87 -6.21 -3.66
CA ILE D 193 -14.50 -5.90 -4.92
C ILE D 193 -13.90 -6.73 -6.04
N ILE D 194 -12.56 -6.83 -6.10
CA ILE D 194 -11.89 -7.62 -7.12
C ILE D 194 -12.24 -9.11 -7.03
N ALA D 195 -12.24 -9.67 -5.82
CA ALA D 195 -12.65 -11.06 -5.63
C ALA D 195 -14.09 -11.27 -6.06
N GLY D 196 -14.98 -10.31 -5.77
CA GLY D 196 -16.36 -10.40 -6.20
C GLY D 196 -16.45 -10.36 -7.73
N LEU D 197 -15.61 -9.53 -8.36
CA LEU D 197 -15.62 -9.46 -9.82
C LEU D 197 -15.10 -10.77 -10.41
N GLU D 198 -14.08 -11.40 -9.79
CA GLU D 198 -13.59 -12.69 -10.27
C GLU D 198 -14.72 -13.71 -10.29
N LYS D 199 -15.57 -13.68 -9.26
CA LYS D 199 -16.67 -14.63 -9.19
C LYS D 199 -17.64 -14.34 -10.31
N GLN D 200 -17.99 -13.05 -10.48
CA GLN D 200 -18.91 -12.67 -11.54
C GLN D 200 -18.38 -13.08 -12.93
N LEU D 201 -17.07 -12.90 -13.17
CA LEU D 201 -16.50 -13.15 -14.48
C LEU D 201 -16.56 -14.65 -14.81
N LYS D 202 -16.52 -15.53 -13.80
CA LYS D 202 -16.70 -16.97 -13.99
C LYS D 202 -18.16 -17.28 -14.29
N ARG D 203 -19.09 -16.50 -13.70
CA ARG D 203 -20.51 -16.56 -14.05
C ARG D 203 -20.83 -15.53 -15.14
C5' 1CS E . 19.72 -0.25 -9.49
O4' 1CS E . 20.33 0.68 -8.56
C4' 1CS E . 19.34 1.45 -8.10
N5' 1CS E . 19.70 2.39 -7.25
C6' 1CS E . 18.76 3.23 -6.78
C7' 1CS E . 19.25 4.27 -5.80
N1' 1CS E . 17.47 3.10 -7.19
C2' 1CS E . 17.12 2.18 -8.10
N10 1CS E . 15.88 1.97 -8.53
C9 1CS E . 14.83 2.79 -8.26
O9 1CS E . 14.89 3.84 -7.59
N8 1CS E . 13.68 2.31 -8.68
S7 1CS E . 12.29 3.09 -8.45
O7A 1CS E . 12.07 3.41 -7.05
O7B 1CS E . 11.24 2.24 -8.93
C2 1CS E . 12.37 4.66 -9.34
C3 1CS E . 12.46 5.83 -8.65
C4 1CS E . 12.54 7.06 -9.33
C5 1CS E . 12.54 7.11 -10.69
C6 1CS E . 12.46 5.95 -11.38
C1 1CS E . 12.36 4.75 -10.70
N3' 1CS E . 18.05 1.33 -8.53
CL11 1CS E . 12.32 3.33 -11.66
C5' 1CS F . 17.64 -23.09 1.65
O4' 1CS F . 16.69 -22.71 2.64
C4' 1CS F . 17.35 -22.78 3.81
N5' 1CS F . 16.61 -22.65 4.91
C6' 1CS F . 17.23 -22.69 6.09
C7' 1CS F . 16.33 -22.56 7.32
N1' 1CS F . 18.58 -22.87 6.18
C2' 1CS F . 19.31 -23.03 5.05
N10 1CS F . 20.62 -23.19 5.07
C9 1CS F . 21.41 -23.42 6.16
O9 1CS F . 20.99 -23.55 7.32
N8 1CS F . 22.74 -23.49 5.89
S7 1CS F . 23.85 -23.72 7.07
O7A 1CS F . 23.81 -22.69 8.18
O7B 1CS F . 25.18 -23.64 6.38
C2 1CS F . 23.67 -25.34 7.79
C3 1CS F . 23.23 -25.48 9.10
C4 1CS F . 23.08 -26.77 9.64
C5 1CS F . 23.40 -27.90 8.86
C6 1CS F . 23.85 -27.76 7.54
C1 1CS F . 23.98 -26.48 7.03
N3' 1CS F . 18.68 -22.98 3.85
CL11 1CS F . 24.52 -26.30 5.41
C5' 1CS G . -19.66 1.19 10.45
O4' 1CS G . -20.73 2.13 10.81
C4' 1CS G . -20.20 3.11 11.60
N5' 1CS G . -21.00 4.07 12.07
C6' 1CS G . -20.47 5.01 12.88
C7' 1CS G . -21.40 6.05 13.41
N1' 1CS G . -19.15 5.00 13.22
C2' 1CS G . -18.37 4.01 12.75
N10 1CS G . -17.07 3.90 12.97
C9 1CS G . -16.37 4.64 13.79
O9 1CS G . -16.82 5.55 14.50
N8 1CS G . -15.06 4.39 13.70
S7 1CS G . -14.02 5.23 14.61
O7A 1CS G . -14.16 6.66 14.41
O7B 1CS G . -12.59 4.78 14.35
C2 1CS G . -14.44 4.90 16.31
C3 1CS G . -14.87 5.91 17.16
C4 1CS G . -15.16 5.63 18.52
C5 1CS G . -14.99 4.33 18.98
C6 1CS G . -14.54 3.34 18.14
C1 1CS G . -14.27 3.63 16.80
N3' 1CS G . -18.90 3.09 11.95
CL11 1CS G . -13.76 2.37 15.76
C5' 1CS H . -14.61 5.50 -13.84
O4' 1CS H . -14.03 6.82 -13.76
C4' 1CS H . -14.77 7.80 -14.35
N5' 1CS H . -14.26 9.04 -14.40
C6' 1CS H . -14.98 9.99 -14.99
C7' 1CS H . -14.42 11.41 -15.09
N1' 1CS H . -16.22 9.73 -15.49
C2' 1CS H . -16.70 8.51 -15.43
N10 1CS H . -17.90 8.20 -15.88
C9 1CS H . -18.77 8.99 -16.54
O9 1CS H . -18.60 10.18 -16.87
N8 1CS H . -19.93 8.36 -16.69
S7 1CS H . -21.20 9.03 -17.46
O7A 1CS H . -21.44 10.40 -16.91
O7B 1CS H . -22.37 8.13 -17.35
C2 1CS H . -20.72 9.38 -19.15
C3 1CS H . -20.45 10.70 -19.55
C4 1CS H . -20.08 10.99 -20.86
C5 1CS H . -19.94 9.98 -21.80
C6 1CS H . -20.22 8.67 -21.43
C1 1CS H . -20.57 8.38 -20.11
N3' 1CS H . -15.97 7.55 -14.84
CL11 1CS H . -20.88 6.75 -19.59
#